data_6K11
#
_entry.id   6K11
#
_cell.length_a   122.652
_cell.length_b   135.230
_cell.length_c   66.903
_cell.angle_alpha   90.00
_cell.angle_beta   90.00
_cell.angle_gamma   90.00
#
_symmetry.space_group_name_H-M   'P 21 21 2'
#
loop_
_entity.id
_entity.type
_entity.pdbx_description
1 polymer Lpg2148(MvcA)
2 water water
#
_entity_poly.entity_id   1
_entity_poly.type   'polypeptide(L)'
_entity_poly.pdbx_seq_one_letter_code
;LESPGFMVHKKLKSMSQSYGVMMTGVPAEVLGQMQAERSIPSINKTGNLKQQIAKEVSKVCHMMTEPTQSCGQASNDVCE
LLLGKIEAEKFHFTKYEALSADGDNLKNVLENTAPSSTNLLIRFEIDREDPPIVLVKTKNENFNPETAVKNKIYLLENKL
YFIDKMGNLFNLGPGKKKCTQLFNAIGDSAEYSLCDPFVLEEPEKPEDFAISEIVDIFNEQKERFDFWIGSHSFTIYIPQ
TLGESPRQFYPYQAYFGSHTLQDWFVSDKDEYLSRIGIDKYIEKLAVLGKTTNTKERSDIYAEFFSKRGREAFFCAHLNE
KRQPLRVKFKITEINPELALKNLQETQEFIDTHPGENPSDKVENYRNRAKLAMTEHLESLLDI
;
_entity_poly.pdbx_strand_id   A,B
#
# COMPACT_ATOMS: atom_id res chain seq x y z
N GLU A 2 -33.66 -35.93 9.25
CA GLU A 2 -32.77 -35.30 8.28
C GLU A 2 -31.31 -35.70 8.46
N SER A 3 -30.62 -35.98 7.36
CA SER A 3 -29.23 -36.40 7.43
C SER A 3 -28.33 -35.25 7.88
N PRO A 4 -27.19 -35.55 8.50
CA PRO A 4 -26.26 -34.46 8.88
C PRO A 4 -25.84 -33.62 7.68
N GLY A 5 -25.63 -34.26 6.53
CA GLY A 5 -25.25 -33.50 5.33
C GLY A 5 -26.30 -32.48 4.93
N PHE A 6 -27.58 -32.83 5.06
CA PHE A 6 -28.62 -31.86 4.75
C PHE A 6 -28.69 -30.74 5.78
N MET A 7 -28.38 -31.05 7.04
CA MET A 7 -28.36 -30.02 8.07
C MET A 7 -27.35 -28.92 7.73
N VAL A 8 -26.24 -29.29 7.10
CA VAL A 8 -25.27 -28.31 6.61
C VAL A 8 -25.94 -27.33 5.66
N HIS A 9 -26.71 -27.84 4.70
CA HIS A 9 -27.38 -26.95 3.75
C HIS A 9 -28.40 -26.06 4.47
N LYS A 10 -29.22 -26.65 5.35
CA LYS A 10 -30.26 -25.88 6.02
C LYS A 10 -29.66 -24.75 6.84
N LYS A 11 -28.55 -25.03 7.53
CA LYS A 11 -27.96 -24.05 8.43
C LYS A 11 -27.21 -22.98 7.65
N LEU A 12 -26.46 -23.37 6.62
CA LEU A 12 -25.78 -22.39 5.79
C LEU A 12 -26.80 -21.44 5.16
N LYS A 13 -27.89 -21.98 4.65
CA LYS A 13 -28.91 -21.14 4.02
C LYS A 13 -29.57 -20.23 5.06
N SER A 14 -29.98 -20.78 6.20
CA SER A 14 -30.66 -19.98 7.21
C SER A 14 -29.76 -18.85 7.72
N MET A 15 -28.49 -19.17 7.96
CA MET A 15 -27.55 -18.19 8.51
C MET A 15 -27.22 -17.09 7.50
N SER A 16 -26.99 -17.46 6.24
CA SER A 16 -26.75 -16.45 5.21
C SER A 16 -27.95 -15.54 5.00
N GLN A 17 -29.17 -16.11 4.99
CA GLN A 17 -30.38 -15.28 4.88
C GLN A 17 -30.42 -14.21 5.97
N SER A 18 -30.04 -14.58 7.20
CA SER A 18 -30.19 -13.68 8.34
C SER A 18 -29.02 -12.70 8.45
N TYR A 19 -27.78 -13.13 8.15
CA TYR A 19 -26.61 -12.39 8.61
C TYR A 19 -25.71 -11.81 7.54
N GLY A 20 -25.96 -12.11 6.25
CA GLY A 20 -25.21 -11.51 5.15
C GLY A 20 -23.70 -11.45 5.29
N VAL A 21 -23.17 -10.21 5.31
CA VAL A 21 -21.72 -9.99 5.32
C VAL A 21 -21.05 -10.60 6.54
N MET A 22 -21.77 -10.78 7.65
CA MET A 22 -21.15 -11.33 8.86
C MET A 22 -20.66 -12.75 8.65
N MET A 23 -21.14 -13.45 7.62
CA MET A 23 -20.77 -14.85 7.43
C MET A 23 -19.29 -15.07 7.11
N THR A 24 -18.56 -14.03 6.68
CA THR A 24 -17.11 -14.16 6.47
C THR A 24 -16.36 -14.45 7.77
N GLY A 25 -16.91 -14.06 8.92
CA GLY A 25 -16.24 -14.22 10.19
C GLY A 25 -15.15 -13.20 10.48
N VAL A 26 -14.96 -12.19 9.64
CA VAL A 26 -13.88 -11.23 9.86
C VAL A 26 -14.33 -10.20 10.90
N PRO A 27 -13.56 -9.95 11.96
CA PRO A 27 -14.00 -8.94 12.93
C PRO A 27 -14.16 -7.60 12.24
N ALA A 28 -15.17 -6.84 12.68
CA ALA A 28 -15.50 -5.58 12.01
C ALA A 28 -14.33 -4.62 12.02
N GLU A 29 -13.60 -4.55 13.13
CA GLU A 29 -12.48 -3.63 13.18
C GLU A 29 -11.42 -4.00 12.15
N VAL A 30 -11.20 -5.31 11.95
CA VAL A 30 -10.21 -5.77 10.97
C VAL A 30 -10.65 -5.40 9.56
N LEU A 31 -11.93 -5.67 9.25
CA LEU A 31 -12.48 -5.28 7.95
C LEU A 31 -12.35 -3.78 7.70
N GLY A 32 -12.72 -2.98 8.71
CA GLY A 32 -12.64 -1.53 8.57
C GLY A 32 -11.21 -1.05 8.35
N GLN A 33 -10.25 -1.59 9.11
CA GLN A 33 -8.86 -1.21 8.88
C GLN A 33 -8.39 -1.62 7.49
N MET A 34 -8.80 -2.81 7.02
CA MET A 34 -8.32 -3.22 5.70
C MET A 34 -8.96 -2.38 4.59
N GLN A 35 -10.21 -1.93 4.79
CA GLN A 35 -10.84 -0.99 3.85
C GLN A 35 -10.08 0.33 3.79
N ALA A 36 -9.72 0.87 4.96
CA ALA A 36 -8.90 2.10 5.00
C ALA A 36 -7.60 1.92 4.22
N GLU A 37 -6.87 0.83 4.48
CA GLU A 37 -5.57 0.65 3.83
C GLU A 37 -5.71 0.47 2.33
N ARG A 38 -6.81 -0.12 1.87
CA ARG A 38 -7.06 -0.21 0.43
C ARG A 38 -7.36 1.15 -0.18
N SER A 39 -7.90 2.09 0.61
CA SER A 39 -8.24 3.43 0.13
C SER A 39 -7.06 4.41 0.13
N ILE A 40 -6.05 4.19 0.99
CA ILE A 40 -4.92 5.12 1.08
C ILE A 40 -4.34 5.50 -0.29
N PRO A 41 -4.03 4.56 -1.20
CA PRO A 41 -3.42 4.96 -2.47
C PRO A 41 -4.28 5.90 -3.31
N SER A 42 -5.57 6.04 -2.99
CA SER A 42 -6.47 6.92 -3.73
C SER A 42 -6.55 8.33 -3.16
N ILE A 43 -5.89 8.59 -2.04
CA ILE A 43 -5.93 9.90 -1.40
C ILE A 43 -4.69 10.68 -1.82
N ASN A 44 -4.91 11.79 -2.52
CA ASN A 44 -3.83 12.70 -2.89
C ASN A 44 -3.42 13.50 -1.65
N LYS A 45 -2.18 13.29 -1.18
CA LYS A 45 -1.78 13.86 0.09
C LYS A 45 -1.39 15.33 0.01
N THR A 46 -1.29 15.91 -1.19
CA THR A 46 -1.14 17.35 -1.34
C THR A 46 -2.49 18.07 -1.39
N GLY A 47 -3.60 17.35 -1.27
CA GLY A 47 -4.93 17.91 -1.38
C GLY A 47 -5.63 18.01 -0.04
N ASN A 48 -6.96 18.10 -0.10
CA ASN A 48 -7.79 18.23 1.09
C ASN A 48 -7.96 16.84 1.71
N LEU A 49 -7.30 16.61 2.85
CA LEU A 49 -7.27 15.26 3.44
C LEU A 49 -8.61 14.91 4.09
N LYS A 50 -9.17 15.82 4.90
CA LYS A 50 -10.44 15.54 5.57
C LYS A 50 -11.56 15.28 4.57
N GLN A 51 -11.54 15.96 3.42
CA GLN A 51 -12.59 15.79 2.42
C GLN A 51 -12.40 14.49 1.65
N GLN A 52 -11.16 14.14 1.32
CA GLN A 52 -10.89 12.89 0.63
C GLN A 52 -11.25 11.69 1.51
N ILE A 53 -10.95 11.78 2.81
CA ILE A 53 -11.31 10.70 3.72
C ILE A 53 -12.82 10.51 3.75
N ALA A 54 -13.56 11.61 3.86
CA ALA A 54 -15.03 11.52 3.85
C ALA A 54 -15.51 10.86 2.57
N LYS A 55 -14.87 11.19 1.45
CA LYS A 55 -15.23 10.62 0.15
C LYS A 55 -14.97 9.12 0.12
N GLU A 56 -13.79 8.69 0.58
CA GLU A 56 -13.47 7.26 0.53
C GLU A 56 -14.35 6.46 1.47
N VAL A 57 -14.66 7.03 2.64
CA VAL A 57 -15.51 6.31 3.59
C VAL A 57 -16.91 6.14 3.01
N SER A 58 -17.46 7.21 2.41
CA SER A 58 -18.77 7.12 1.79
C SER A 58 -18.81 6.06 0.71
N LYS A 59 -17.80 6.04 -0.17
CA LYS A 59 -17.77 5.08 -1.27
C LYS A 59 -17.84 3.64 -0.75
N VAL A 60 -17.03 3.31 0.24
CA VAL A 60 -16.98 1.95 0.78
C VAL A 60 -18.28 1.61 1.50
N CYS A 61 -18.80 2.55 2.30
CA CYS A 61 -20.01 2.25 3.05
C CYS A 61 -21.22 2.16 2.12
N HIS A 62 -21.21 2.87 0.99
CA HIS A 62 -22.16 2.62 -0.09
C HIS A 62 -22.12 1.15 -0.52
N MET A 63 -20.92 0.67 -0.87
CA MET A 63 -20.76 -0.69 -1.37
C MET A 63 -21.21 -1.74 -0.35
N MET A 64 -21.04 -1.47 0.95
CA MET A 64 -21.50 -2.43 1.97
C MET A 64 -23.03 -2.60 1.98
N THR A 65 -23.79 -1.65 1.43
CA THR A 65 -25.24 -1.78 1.33
C THR A 65 -25.73 -2.13 -0.08
N GLU A 66 -24.82 -2.46 -0.99
CA GLU A 66 -25.19 -2.76 -2.38
C GLU A 66 -24.74 -4.17 -2.75
N PRO A 67 -25.21 -4.73 -3.90
CA PRO A 67 -24.69 -6.04 -4.32
C PRO A 67 -23.27 -5.96 -4.84
N THR A 68 -22.29 -6.02 -3.93
CA THR A 68 -20.88 -5.92 -4.31
C THR A 68 -20.08 -7.13 -3.87
N GLN A 69 -20.73 -8.21 -3.50
CA GLN A 69 -20.02 -9.47 -3.28
C GLN A 69 -19.79 -10.14 -4.63
N SER A 70 -18.54 -10.53 -4.91
CA SER A 70 -18.29 -11.20 -6.17
C SER A 70 -18.68 -12.68 -6.08
N CYS A 71 -18.92 -13.27 -7.25
CA CYS A 71 -19.21 -14.70 -7.30
C CYS A 71 -18.07 -15.51 -6.70
N GLY A 72 -16.83 -15.13 -7.00
CA GLY A 72 -15.69 -15.88 -6.47
C GLY A 72 -15.59 -15.80 -4.95
N GLN A 73 -15.87 -14.63 -4.38
CA GLN A 73 -15.89 -14.46 -2.93
C GLN A 73 -16.93 -15.37 -2.28
N ALA A 74 -18.13 -15.44 -2.85
CA ALA A 74 -19.15 -16.30 -2.27
C ALA A 74 -18.73 -17.77 -2.33
N SER A 75 -18.20 -18.20 -3.47
CA SER A 75 -17.70 -19.58 -3.58
C SER A 75 -16.57 -19.83 -2.58
N ASN A 76 -15.67 -18.84 -2.40
CA ASN A 76 -14.59 -19.00 -1.43
C ASN A 76 -15.13 -19.17 -0.02
N ASP A 77 -16.20 -18.44 0.32
CA ASP A 77 -16.83 -18.56 1.63
C ASP A 77 -17.49 -19.92 1.81
N VAL A 78 -18.25 -20.36 0.81
CA VAL A 78 -18.88 -21.69 0.89
C VAL A 78 -17.82 -22.76 1.09
N CYS A 79 -16.72 -22.68 0.34
CA CYS A 79 -15.69 -23.71 0.42
C CYS A 79 -14.99 -23.68 1.78
N GLU A 80 -14.70 -22.49 2.30
CA GLU A 80 -14.07 -22.41 3.61
C GLU A 80 -14.98 -22.93 4.71
N LEU A 81 -16.27 -22.61 4.64
CA LEU A 81 -17.18 -23.10 5.67
C LEU A 81 -17.33 -24.61 5.61
N LEU A 82 -17.45 -25.17 4.41
CA LEU A 82 -17.73 -26.60 4.30
C LEU A 82 -16.48 -27.44 4.46
N LEU A 83 -15.31 -26.91 4.09
CA LEU A 83 -14.07 -27.70 4.12
C LEU A 83 -13.16 -27.36 5.29
N GLY A 84 -13.26 -26.16 5.86
CA GLY A 84 -12.24 -25.67 6.75
C GLY A 84 -11.07 -25.07 5.98
N LYS A 85 -10.29 -24.23 6.67
CA LYS A 85 -9.28 -23.42 5.99
C LYS A 85 -8.24 -24.28 5.27
N ILE A 86 -7.72 -25.31 5.94
CA ILE A 86 -6.63 -26.11 5.36
C ILE A 86 -7.09 -26.87 4.11
N GLU A 87 -8.20 -27.62 4.23
CA GLU A 87 -8.69 -28.38 3.09
C GLU A 87 -9.22 -27.48 1.98
N ALA A 88 -9.79 -26.33 2.33
CA ALA A 88 -10.18 -25.39 1.29
C ALA A 88 -8.97 -24.90 0.52
N GLU A 89 -7.83 -24.74 1.18
CA GLU A 89 -6.62 -24.34 0.46
C GLU A 89 -6.16 -25.44 -0.50
N LYS A 90 -6.26 -26.71 -0.09
CA LYS A 90 -5.93 -27.80 -1.01
C LYS A 90 -6.92 -27.85 -2.18
N PHE A 91 -8.21 -27.67 -1.90
CA PHE A 91 -9.22 -27.62 -2.96
C PHE A 91 -8.88 -26.53 -3.97
N HIS A 92 -8.42 -25.38 -3.48
CA HIS A 92 -8.12 -24.25 -4.37
C HIS A 92 -7.01 -24.58 -5.35
N PHE A 93 -6.05 -25.43 -4.96
CA PHE A 93 -4.97 -25.78 -5.86
C PHE A 93 -5.26 -27.02 -6.71
N THR A 94 -6.38 -27.70 -6.47
CA THR A 94 -6.75 -28.80 -7.36
C THR A 94 -7.12 -28.23 -8.72
N LYS A 95 -6.78 -28.95 -9.78
CA LYS A 95 -7.06 -28.47 -11.12
C LYS A 95 -8.56 -28.59 -11.44
N TYR A 96 -9.02 -27.68 -12.29
CA TYR A 96 -10.35 -27.78 -12.88
C TYR A 96 -10.34 -28.75 -14.05
N GLU A 97 -11.44 -29.47 -14.23
CA GLU A 97 -11.68 -30.29 -15.41
C GLU A 97 -12.73 -29.66 -16.31
N ALA A 98 -12.46 -29.67 -17.61
CA ALA A 98 -13.48 -29.21 -18.54
C ALA A 98 -14.68 -30.16 -18.52
N LEU A 99 -15.88 -29.58 -18.49
CA LEU A 99 -17.09 -30.37 -18.65
C LEU A 99 -17.13 -30.96 -20.05
N SER A 100 -17.32 -32.28 -20.15
CA SER A 100 -17.44 -32.93 -21.43
C SER A 100 -18.62 -32.37 -22.23
N ALA A 101 -18.65 -32.68 -23.52
CA ALA A 101 -19.60 -32.02 -24.42
C ALA A 101 -21.04 -32.31 -24.04
N ASP A 102 -21.31 -33.47 -23.43
CA ASP A 102 -22.64 -33.81 -22.93
C ASP A 102 -22.74 -33.73 -21.41
N GLY A 103 -21.67 -33.37 -20.73
CA GLY A 103 -21.63 -33.43 -19.29
C GLY A 103 -21.40 -34.81 -18.72
N ASP A 104 -21.04 -35.79 -19.56
CA ASP A 104 -20.97 -37.18 -19.10
C ASP A 104 -19.92 -37.35 -18.01
N ASN A 105 -18.79 -36.66 -18.12
CA ASN A 105 -17.72 -36.91 -17.16
C ASN A 105 -18.13 -36.53 -15.75
N LEU A 106 -18.89 -35.45 -15.60
CA LEU A 106 -19.43 -35.09 -14.29
C LEU A 106 -20.59 -36.00 -13.90
N LYS A 107 -21.47 -36.33 -14.86
CA LYS A 107 -22.58 -37.21 -14.56
C LYS A 107 -22.08 -38.57 -14.06
N ASN A 108 -21.07 -39.14 -14.71
CA ASN A 108 -20.61 -40.46 -14.34
C ASN A 108 -19.89 -40.45 -12.99
N VAL A 109 -19.22 -39.34 -12.65
CA VAL A 109 -18.65 -39.21 -11.31
C VAL A 109 -19.73 -39.31 -10.25
N LEU A 110 -20.87 -38.67 -10.49
CA LEU A 110 -21.97 -38.68 -9.52
C LEU A 110 -22.64 -40.05 -9.45
N GLU A 111 -22.81 -40.70 -10.61
CA GLU A 111 -23.39 -42.05 -10.61
C GLU A 111 -22.50 -43.05 -9.88
N ASN A 112 -21.19 -42.81 -9.86
CA ASN A 112 -20.24 -43.69 -9.16
C ASN A 112 -20.11 -43.37 -7.67
N THR A 113 -21.06 -42.64 -7.08
CA THR A 113 -21.00 -42.29 -5.66
C THR A 113 -22.32 -42.66 -5.00
N ALA A 114 -22.24 -43.28 -3.84
CA ALA A 114 -23.44 -43.73 -3.14
C ALA A 114 -24.22 -42.55 -2.59
N PRO A 115 -25.42 -42.26 -3.09
CA PRO A 115 -26.15 -41.07 -2.63
C PRO A 115 -26.43 -41.06 -1.14
N SER A 116 -26.58 -42.23 -0.52
CA SER A 116 -26.82 -42.31 0.91
C SER A 116 -25.54 -42.21 1.73
N SER A 117 -24.38 -42.34 1.10
CA SER A 117 -23.12 -42.49 1.83
C SER A 117 -22.16 -41.33 1.62
N THR A 118 -22.52 -40.30 0.88
CA THR A 118 -21.55 -39.27 0.53
C THR A 118 -22.19 -37.88 0.49
N ASN A 119 -21.39 -36.87 0.83
CA ASN A 119 -21.76 -35.47 0.70
C ASN A 119 -20.74 -34.80 -0.20
N LEU A 120 -21.21 -34.21 -1.29
CA LEU A 120 -20.35 -33.73 -2.37
C LEU A 120 -20.47 -32.21 -2.52
N LEU A 121 -19.33 -31.56 -2.73
CA LEU A 121 -19.27 -30.14 -3.06
C LEU A 121 -18.60 -30.02 -4.42
N ILE A 122 -19.27 -29.36 -5.35
CA ILE A 122 -18.74 -29.10 -6.68
C ILE A 122 -18.57 -27.59 -6.83
N ARG A 123 -17.40 -27.17 -7.28
CA ARG A 123 -17.16 -25.77 -7.59
C ARG A 123 -17.03 -25.63 -9.10
N PHE A 124 -17.75 -24.66 -9.67
CA PHE A 124 -17.76 -24.43 -11.11
C PHE A 124 -17.15 -23.09 -11.44
N GLU A 125 -16.51 -23.02 -12.61
CA GLU A 125 -16.02 -21.77 -13.16
C GLU A 125 -16.47 -21.68 -14.61
N ILE A 126 -17.05 -20.54 -14.99
CA ILE A 126 -17.46 -20.28 -16.36
C ILE A 126 -16.50 -19.24 -16.92
N ASP A 127 -15.87 -19.56 -18.04
CA ASP A 127 -14.98 -18.66 -18.74
C ASP A 127 -15.62 -18.20 -20.05
N ARG A 128 -15.30 -16.98 -20.46
CA ARG A 128 -15.68 -16.52 -21.78
C ARG A 128 -14.42 -16.31 -22.63
N GLU A 129 -14.56 -16.52 -23.93
CA GLU A 129 -13.44 -16.38 -24.85
C GLU A 129 -13.41 -14.95 -25.38
N ASP A 130 -12.33 -14.24 -25.10
CA ASP A 130 -12.27 -12.79 -25.30
C ASP A 130 -10.94 -12.41 -25.95
N PRO A 131 -10.73 -12.81 -27.21
CA PRO A 131 -9.46 -12.45 -27.90
C PRO A 131 -9.41 -10.96 -28.22
N PRO A 132 -8.23 -10.40 -28.50
CA PRO A 132 -8.16 -8.99 -28.89
C PRO A 132 -8.88 -8.78 -30.21
N ILE A 133 -9.41 -7.57 -30.39
CA ILE A 133 -10.17 -7.25 -31.60
C ILE A 133 -9.66 -6.00 -32.29
N VAL A 134 -8.70 -5.29 -31.71
CA VAL A 134 -8.15 -4.12 -32.38
C VAL A 134 -6.62 -4.14 -32.38
N LEU A 135 -6.07 -3.48 -33.40
CA LEU A 135 -4.66 -3.19 -33.51
C LEU A 135 -4.48 -1.70 -33.25
N VAL A 136 -3.46 -1.33 -32.48
CA VAL A 136 -3.17 0.08 -32.18
C VAL A 136 -1.77 0.39 -32.69
N LYS A 137 -1.68 1.37 -33.59
CA LYS A 137 -0.41 1.88 -34.06
C LYS A 137 0.01 3.04 -33.16
N THR A 138 1.20 2.95 -32.58
CA THR A 138 1.68 3.98 -31.67
C THR A 138 3.18 4.15 -31.79
N LYS A 139 3.62 5.40 -31.74
CA LYS A 139 5.04 5.69 -31.68
C LYS A 139 5.64 5.13 -30.39
N ASN A 140 6.91 4.73 -30.48
CA ASN A 140 7.60 4.22 -29.31
C ASN A 140 7.59 5.24 -28.16
N GLU A 141 7.68 6.52 -28.49
CA GLU A 141 7.76 7.56 -27.46
C GLU A 141 6.53 7.58 -26.56
N ASN A 142 5.37 7.17 -27.07
CA ASN A 142 4.12 7.28 -26.32
C ASN A 142 3.58 5.94 -25.83
N PHE A 143 4.39 4.89 -25.84
CA PHE A 143 3.95 3.55 -25.45
C PHE A 143 4.54 3.20 -24.10
N ASN A 144 3.68 3.09 -23.11
CA ASN A 144 4.07 2.61 -21.77
C ASN A 144 3.33 1.30 -21.52
N PRO A 145 4.02 0.16 -21.54
CA PRO A 145 3.32 -1.13 -21.36
C PRO A 145 2.64 -1.27 -20.01
N GLU A 146 3.04 -0.49 -19.00
CA GLU A 146 2.40 -0.54 -17.69
C GLU A 146 1.06 0.16 -17.66
N THR A 147 0.80 1.10 -18.59
CA THR A 147 -0.43 1.87 -18.60
C THR A 147 -1.32 1.61 -19.81
N ALA A 148 -0.77 1.04 -20.89
CA ALA A 148 -1.53 0.86 -22.11
C ALA A 148 -2.74 -0.02 -21.87
N VAL A 149 -3.80 0.20 -22.66
CA VAL A 149 -5.01 -0.61 -22.50
C VAL A 149 -4.71 -2.06 -22.83
N LYS A 150 -5.24 -2.95 -22.02
CA LYS A 150 -4.95 -4.37 -22.13
C LYS A 150 -5.83 -5.05 -23.20
N ASN A 151 -5.38 -6.22 -23.66
CA ASN A 151 -6.07 -7.04 -24.66
C ASN A 151 -6.16 -6.34 -26.01
N LYS A 152 -5.03 -5.77 -26.44
CA LYS A 152 -4.90 -5.17 -27.76
C LYS A 152 -3.54 -5.57 -28.33
N ILE A 153 -3.45 -5.56 -29.66
CA ILE A 153 -2.16 -5.68 -30.34
C ILE A 153 -1.63 -4.28 -30.60
N TYR A 154 -0.33 -4.08 -30.34
CA TYR A 154 0.32 -2.77 -30.48
C TYR A 154 1.43 -2.85 -31.51
N LEU A 155 1.39 -1.97 -32.50
CA LEU A 155 2.42 -1.89 -33.53
C LEU A 155 3.22 -0.61 -33.32
N LEU A 156 4.50 -0.77 -32.98
CA LEU A 156 5.45 0.31 -32.83
C LEU A 156 6.35 0.36 -34.04
N GLU A 157 7.19 1.41 -34.09
CA GLU A 157 8.21 1.48 -35.14
C GLU A 157 9.08 0.22 -35.15
N ASN A 158 9.37 -0.35 -33.97
CA ASN A 158 10.35 -1.42 -33.90
C ASN A 158 9.89 -2.63 -33.11
N LYS A 159 8.62 -2.71 -32.74
CA LYS A 159 8.11 -3.85 -31.98
C LYS A 159 6.67 -4.10 -32.39
N LEU A 160 6.27 -5.36 -32.38
CA LEU A 160 4.88 -5.78 -32.55
C LEU A 160 4.53 -6.59 -31.31
N TYR A 161 3.62 -6.09 -30.49
CA TYR A 161 3.31 -6.64 -29.18
C TYR A 161 1.85 -7.05 -29.10
N PHE A 162 1.59 -8.02 -28.22
CA PHE A 162 0.25 -8.30 -27.72
C PHE A 162 0.32 -8.15 -26.21
N ILE A 163 -0.55 -7.31 -25.65
CA ILE A 163 -0.73 -7.19 -24.21
C ILE A 163 -1.99 -7.97 -23.85
N ASP A 164 -1.87 -8.99 -23.01
CA ASP A 164 -3.01 -9.84 -22.75
C ASP A 164 -3.88 -9.27 -21.61
N LYS A 165 -4.92 -10.04 -21.25
CA LYS A 165 -5.89 -9.62 -20.23
C LYS A 165 -5.22 -9.25 -18.91
N MET A 166 -4.15 -9.95 -18.54
CA MET A 166 -3.45 -9.68 -17.30
C MET A 166 -2.37 -8.61 -17.42
N GLY A 167 -2.14 -8.09 -18.62
CA GLY A 167 -1.07 -7.14 -18.84
C GLY A 167 0.27 -7.75 -19.18
N ASN A 168 0.33 -9.05 -19.44
CA ASN A 168 1.55 -9.70 -19.91
C ASN A 168 1.89 -9.21 -21.31
N LEU A 169 3.16 -8.89 -21.53
CA LEU A 169 3.62 -8.29 -22.78
C LEU A 169 4.29 -9.36 -23.64
N PHE A 170 3.69 -9.68 -24.78
CA PHE A 170 4.20 -10.72 -25.67
C PHE A 170 4.76 -10.06 -26.92
N ASN A 171 6.06 -10.25 -27.15
CA ASN A 171 6.66 -9.87 -28.42
C ASN A 171 6.24 -10.90 -29.47
N LEU A 172 5.61 -10.42 -30.54
CA LEU A 172 5.04 -11.31 -31.54
C LEU A 172 6.05 -11.80 -32.59
N GLY A 173 7.30 -11.33 -32.54
CA GLY A 173 8.34 -11.96 -33.34
C GLY A 173 9.13 -11.10 -34.32
N PRO A 174 8.46 -10.28 -35.13
CA PRO A 174 9.17 -9.52 -36.17
C PRO A 174 10.25 -8.60 -35.62
N GLY A 175 11.36 -8.48 -36.38
CA GLY A 175 12.45 -7.61 -35.98
C GLY A 175 12.18 -6.15 -36.33
N LYS A 176 13.10 -5.27 -35.91
CA LYS A 176 12.90 -3.83 -36.05
C LYS A 176 12.66 -3.42 -37.51
N LYS A 177 13.41 -3.96 -38.44
CA LYS A 177 13.24 -3.60 -39.85
C LYS A 177 11.82 -3.89 -40.33
N LYS A 178 11.28 -5.06 -39.99
CA LYS A 178 9.97 -5.45 -40.47
C LYS A 178 8.85 -4.65 -39.80
N CYS A 179 8.97 -4.42 -38.49
CA CYS A 179 8.01 -3.57 -37.78
C CYS A 179 7.96 -2.18 -38.39
N THR A 180 9.13 -1.61 -38.66
CA THR A 180 9.20 -0.29 -39.30
C THR A 180 8.44 -0.30 -40.62
N GLN A 181 8.58 -1.39 -41.39
CA GLN A 181 7.89 -1.47 -42.66
C GLN A 181 6.37 -1.53 -42.47
N LEU A 182 5.90 -2.44 -41.60
CA LEU A 182 4.46 -2.52 -41.33
C LEU A 182 3.92 -1.22 -40.77
N PHE A 183 4.71 -0.57 -39.90
CA PHE A 183 4.29 0.67 -39.27
C PHE A 183 3.99 1.73 -40.32
N ASN A 184 4.90 1.89 -41.29
CA ASN A 184 4.74 2.90 -42.32
C ASN A 184 3.79 2.47 -43.44
N ALA A 185 3.37 1.21 -43.48
CA ALA A 185 2.39 0.76 -44.46
C ALA A 185 0.95 0.95 -43.99
N ILE A 186 0.75 1.30 -42.72
CA ILE A 186 -0.58 1.47 -42.16
C ILE A 186 -0.82 2.95 -41.97
N GLY A 187 -2.07 3.38 -42.18
CA GLY A 187 -2.46 4.78 -42.08
C GLY A 187 -2.40 5.38 -40.69
N ASP A 188 -3.25 6.38 -40.43
CA ASP A 188 -3.18 7.17 -39.21
C ASP A 188 -4.45 7.12 -38.38
N SER A 189 -5.34 6.17 -38.63
CA SER A 189 -6.52 6.05 -37.78
C SER A 189 -6.11 5.65 -36.37
N ALA A 190 -7.03 5.87 -35.42
CA ALA A 190 -6.70 5.62 -34.02
C ALA A 190 -6.49 4.14 -33.75
N GLU A 191 -7.37 3.29 -34.29
CA GLU A 191 -7.31 1.86 -34.11
C GLU A 191 -7.78 1.20 -35.39
N TYR A 192 -7.41 -0.07 -35.55
CA TYR A 192 -7.82 -0.86 -36.70
C TYR A 192 -8.37 -2.20 -36.23
N SER A 193 -9.46 -2.62 -36.87
CA SER A 193 -10.09 -3.88 -36.50
C SER A 193 -9.26 -5.07 -36.98
N LEU A 194 -9.20 -6.11 -36.16
CA LEU A 194 -8.57 -7.37 -36.55
C LEU A 194 -9.57 -8.37 -37.10
N CYS A 195 -10.85 -8.00 -37.22
CA CYS A 195 -11.92 -8.93 -37.53
C CYS A 195 -12.65 -8.62 -38.84
N ASP A 196 -12.37 -7.50 -39.48
CA ASP A 196 -13.00 -7.07 -40.72
C ASP A 196 -12.87 -8.16 -41.77
N PRO A 197 -13.98 -8.79 -42.17
CA PRO A 197 -13.89 -9.87 -43.17
C PRO A 197 -13.58 -9.39 -44.57
N PHE A 198 -13.90 -8.13 -44.89
CA PHE A 198 -13.47 -7.56 -46.17
C PHE A 198 -11.97 -7.36 -46.19
N VAL A 199 -11.40 -6.82 -45.11
CA VAL A 199 -9.96 -6.58 -45.05
C VAL A 199 -9.19 -7.91 -45.02
N LEU A 200 -9.73 -8.90 -44.32
CA LEU A 200 -9.00 -10.13 -44.09
C LEU A 200 -9.09 -11.11 -45.25
N GLU A 201 -10.28 -11.24 -45.85
CA GLU A 201 -10.48 -12.20 -46.94
C GLU A 201 -10.34 -11.60 -48.32
N GLU A 202 -10.69 -10.32 -48.49
CA GLU A 202 -10.60 -9.65 -49.79
C GLU A 202 -9.71 -8.41 -49.70
N PRO A 203 -8.46 -8.57 -49.29
CA PRO A 203 -7.60 -7.39 -49.10
C PRO A 203 -7.30 -6.73 -50.45
N GLU A 204 -7.54 -5.42 -50.53
CA GLU A 204 -7.37 -4.70 -51.79
C GLU A 204 -6.51 -3.44 -51.71
N LYS A 205 -6.13 -2.99 -50.53
CA LYS A 205 -5.19 -1.88 -50.32
C LYS A 205 -3.92 -2.40 -49.63
N PRO A 206 -2.78 -1.75 -49.84
CA PRO A 206 -1.57 -2.18 -49.11
C PRO A 206 -1.74 -2.18 -47.59
N GLU A 207 -2.49 -1.23 -47.03
CA GLU A 207 -2.82 -1.26 -45.61
C GLU A 207 -3.57 -2.54 -45.24
N ASP A 208 -4.54 -2.95 -46.08
CA ASP A 208 -5.24 -4.23 -45.90
C ASP A 208 -4.28 -5.39 -45.78
N PHE A 209 -3.25 -5.43 -46.65
CA PHE A 209 -2.28 -6.51 -46.62
C PHE A 209 -1.40 -6.46 -45.39
N ALA A 210 -1.07 -5.25 -44.91
CA ALA A 210 -0.28 -5.13 -43.69
C ALA A 210 -1.06 -5.64 -42.49
N ILE A 211 -2.31 -5.19 -42.33
CA ILE A 211 -3.13 -5.65 -41.22
C ILE A 211 -3.32 -7.16 -41.32
N SER A 212 -3.65 -7.66 -42.51
CA SER A 212 -3.84 -9.09 -42.67
C SER A 212 -2.57 -9.88 -42.36
N GLU A 213 -1.40 -9.32 -42.64
CA GLU A 213 -0.15 -10.01 -42.28
C GLU A 213 0.03 -10.05 -40.76
N ILE A 214 -0.29 -8.96 -40.07
CA ILE A 214 -0.25 -8.95 -38.60
C ILE A 214 -1.19 -10.00 -38.02
N VAL A 215 -2.41 -10.09 -38.56
CA VAL A 215 -3.36 -11.10 -38.09
C VAL A 215 -2.81 -12.50 -38.29
N ASP A 216 -2.19 -12.76 -39.45
CA ASP A 216 -1.59 -14.07 -39.71
C ASP A 216 -0.50 -14.38 -38.69
N ILE A 217 0.41 -13.42 -38.48
CA ILE A 217 1.51 -13.59 -37.52
C ILE A 217 0.94 -13.96 -36.16
N PHE A 218 -0.10 -13.25 -35.73
CA PHE A 218 -0.74 -13.50 -34.44
C PHE A 218 -1.39 -14.88 -34.40
N ASN A 219 -2.20 -15.21 -35.42
CA ASN A 219 -2.89 -16.50 -35.44
C ASN A 219 -1.91 -17.67 -35.41
N GLU A 220 -0.73 -17.50 -36.01
CA GLU A 220 0.24 -18.57 -36.10
C GLU A 220 0.76 -19.01 -34.74
N GLN A 221 0.79 -18.10 -33.76
CA GLN A 221 1.35 -18.39 -32.45
C GLN A 221 0.30 -18.35 -31.33
N LYS A 222 -0.98 -18.55 -31.68
CA LYS A 222 -2.08 -18.36 -30.74
C LYS A 222 -1.97 -19.27 -29.51
N GLU A 223 -1.29 -20.40 -29.63
CA GLU A 223 -1.16 -21.29 -28.49
C GLU A 223 -0.23 -20.75 -27.42
N ARG A 224 0.44 -19.60 -27.65
CA ARG A 224 1.18 -18.94 -26.59
C ARG A 224 0.26 -18.25 -25.59
N PHE A 225 -0.98 -17.96 -25.97
CA PHE A 225 -1.83 -17.07 -25.19
C PHE A 225 -3.04 -17.80 -24.64
N ASP A 226 -3.66 -17.18 -23.64
CA ASP A 226 -4.91 -17.65 -23.06
C ASP A 226 -5.91 -16.52 -23.24
N PHE A 227 -6.86 -16.70 -24.16
CA PHE A 227 -7.89 -15.69 -24.40
C PHE A 227 -9.09 -15.83 -23.48
N TRP A 228 -9.13 -16.87 -22.66
CA TRP A 228 -10.29 -17.09 -21.79
C TRP A 228 -10.17 -16.26 -20.52
N ILE A 229 -11.29 -15.72 -20.06
CA ILE A 229 -11.32 -14.92 -18.84
C ILE A 229 -12.54 -15.31 -18.01
N GLY A 230 -12.39 -15.31 -16.69
CA GLY A 230 -13.47 -15.67 -15.77
C GLY A 230 -14.75 -14.88 -15.99
N SER A 231 -15.86 -15.59 -16.14
CA SER A 231 -17.18 -14.96 -16.27
C SER A 231 -18.03 -15.13 -15.03
N HIS A 232 -17.95 -16.28 -14.37
CA HIS A 232 -18.83 -16.55 -13.24
C HIS A 232 -18.26 -17.73 -12.47
N SER A 233 -18.63 -17.78 -11.19
CA SER A 233 -18.20 -18.83 -10.28
C SER A 233 -19.42 -19.21 -9.44
N PHE A 234 -19.56 -20.49 -9.14
CA PHE A 234 -20.64 -20.92 -8.23
C PHE A 234 -20.30 -22.30 -7.72
N THR A 235 -21.07 -22.73 -6.73
CA THR A 235 -20.89 -24.05 -6.16
C THR A 235 -22.24 -24.77 -6.17
N ILE A 236 -22.16 -26.09 -6.10
CA ILE A 236 -23.33 -26.94 -5.94
C ILE A 236 -23.01 -27.92 -4.83
N TYR A 237 -23.95 -28.11 -3.91
CA TYR A 237 -23.78 -29.01 -2.78
C TYR A 237 -24.82 -30.13 -2.91
N ILE A 238 -24.36 -31.36 -2.82
CA ILE A 238 -25.23 -32.53 -2.92
C ILE A 238 -25.11 -33.32 -1.63
N PRO A 239 -26.01 -33.11 -0.68
CA PRO A 239 -25.93 -33.80 0.61
C PRO A 239 -26.42 -35.24 0.50
N GLN A 240 -25.93 -36.05 1.44
CA GLN A 240 -26.33 -37.45 1.48
C GLN A 240 -27.84 -37.59 1.67
N THR A 241 -28.40 -38.62 1.05
CA THR A 241 -29.81 -38.94 1.21
C THR A 241 -30.01 -39.82 2.44
N LEU A 242 -31.26 -39.82 2.94
CA LEU A 242 -31.71 -40.78 3.93
C LEU A 242 -32.48 -41.88 3.22
N GLY A 243 -32.17 -43.13 3.55
CA GLY A 243 -32.93 -44.24 3.00
C GLY A 243 -32.90 -44.25 1.49
N GLU A 244 -34.09 -44.39 0.89
CA GLU A 244 -34.24 -44.47 -0.56
C GLU A 244 -34.62 -43.15 -1.19
N SER A 245 -34.40 -42.04 -0.50
CA SER A 245 -34.90 -40.74 -0.95
C SER A 245 -34.09 -40.26 -2.17
N PRO A 246 -34.73 -39.51 -3.07
CA PRO A 246 -34.02 -39.06 -4.28
C PRO A 246 -32.94 -38.05 -3.96
N ARG A 247 -31.84 -38.14 -4.70
CA ARG A 247 -30.72 -37.22 -4.50
C ARG A 247 -31.09 -35.82 -4.98
N GLN A 248 -30.69 -34.80 -4.20
CA GLN A 248 -31.02 -33.41 -4.48
C GLN A 248 -29.74 -32.59 -4.50
N PHE A 249 -29.72 -31.55 -5.34
CA PHE A 249 -28.59 -30.64 -5.44
C PHE A 249 -29.05 -29.22 -5.16
N TYR A 250 -28.13 -28.39 -4.66
CA TYR A 250 -28.46 -27.00 -4.36
C TYR A 250 -27.35 -26.11 -4.91
N PRO A 251 -27.65 -25.21 -5.84
CA PRO A 251 -26.64 -24.25 -6.29
C PRO A 251 -26.64 -23.01 -5.41
N TYR A 252 -25.42 -22.52 -5.16
CA TYR A 252 -25.17 -21.34 -4.33
C TYR A 252 -24.34 -20.34 -5.13
N GLN A 253 -24.71 -19.05 -5.06
CA GLN A 253 -23.91 -18.07 -5.77
C GLN A 253 -24.21 -16.65 -5.30
N ALA A 254 -23.27 -15.76 -5.62
CA ALA A 254 -23.47 -14.32 -5.72
C ALA A 254 -23.14 -13.90 -7.16
N TYR A 255 -23.59 -12.70 -7.53
CA TYR A 255 -23.27 -12.14 -8.85
C TYR A 255 -23.07 -10.63 -8.68
N PHE A 256 -21.83 -10.18 -8.83
CA PHE A 256 -21.49 -8.77 -8.56
C PHE A 256 -22.36 -7.82 -9.36
N GLY A 257 -22.88 -6.80 -8.69
CA GLY A 257 -23.78 -5.83 -9.30
C GLY A 257 -25.22 -6.28 -9.42
N SER A 258 -25.50 -7.54 -9.13
CA SER A 258 -26.86 -8.09 -9.23
C SER A 258 -27.41 -8.51 -7.87
N HIS A 259 -26.74 -9.41 -7.15
CA HIS A 259 -27.27 -9.94 -5.90
C HIS A 259 -26.13 -10.58 -5.11
N THR A 260 -26.29 -10.62 -3.78
CA THR A 260 -25.36 -11.30 -2.91
C THR A 260 -25.82 -12.74 -2.64
N LEU A 261 -24.97 -13.50 -1.97
CA LEU A 261 -25.36 -14.86 -1.58
C LEU A 261 -26.57 -14.82 -0.65
N GLN A 262 -26.61 -13.83 0.24
CA GLN A 262 -27.78 -13.66 1.11
C GLN A 262 -29.05 -13.45 0.29
N ASP A 263 -29.01 -12.54 -0.68
CA ASP A 263 -30.14 -12.32 -1.60
C ASP A 263 -30.55 -13.61 -2.28
N TRP A 264 -29.57 -14.36 -2.76
CA TRP A 264 -29.82 -15.62 -3.44
C TRP A 264 -30.63 -16.56 -2.57
N PHE A 265 -30.18 -16.77 -1.33
CA PHE A 265 -30.90 -17.66 -0.42
C PHE A 265 -32.25 -17.08 0.00
N VAL A 266 -32.34 -15.76 0.23
CA VAL A 266 -33.64 -15.19 0.57
C VAL A 266 -34.65 -15.42 -0.55
N SER A 267 -34.20 -15.40 -1.81
CA SER A 267 -35.10 -15.61 -2.95
C SER A 267 -35.44 -17.08 -3.19
N ASP A 268 -34.77 -18.02 -2.51
CA ASP A 268 -35.02 -19.46 -2.69
C ASP A 268 -34.77 -19.90 -4.13
N LYS A 269 -33.93 -19.18 -4.88
CA LYS A 269 -33.60 -19.67 -6.21
C LYS A 269 -32.80 -20.95 -6.16
N ASP A 270 -32.11 -21.21 -5.04
CA ASP A 270 -31.46 -22.51 -4.88
C ASP A 270 -32.48 -23.65 -4.92
N GLU A 271 -33.61 -23.48 -4.21
CA GLU A 271 -34.62 -24.53 -4.16
C GLU A 271 -35.37 -24.62 -5.49
N TYR A 272 -35.65 -23.46 -6.09
CA TYR A 272 -36.28 -23.44 -7.41
C TYR A 272 -35.49 -24.26 -8.42
N LEU A 273 -34.18 -24.01 -8.51
CA LEU A 273 -33.40 -24.72 -9.52
C LEU A 273 -33.19 -26.18 -9.13
N SER A 274 -33.10 -26.45 -7.83
CA SER A 274 -33.01 -27.83 -7.36
C SER A 274 -34.07 -28.72 -7.98
N ARG A 275 -35.26 -28.19 -8.22
CA ARG A 275 -36.38 -29.02 -8.64
C ARG A 275 -36.21 -29.57 -10.04
N ILE A 276 -35.30 -29.03 -10.86
CA ILE A 276 -35.12 -29.60 -12.19
C ILE A 276 -34.29 -30.86 -12.18
N GLY A 277 -33.57 -31.13 -11.10
CA GLY A 277 -32.72 -32.32 -11.04
C GLY A 277 -31.33 -32.07 -11.58
N ILE A 278 -30.34 -32.75 -10.97
CA ILE A 278 -28.94 -32.48 -11.27
C ILE A 278 -28.60 -32.86 -12.71
N ASP A 279 -29.21 -33.93 -13.23
CA ASP A 279 -28.91 -34.36 -14.60
C ASP A 279 -29.31 -33.28 -15.60
N LYS A 280 -30.53 -32.76 -15.48
CA LYS A 280 -30.98 -31.68 -16.36
C LYS A 280 -30.13 -30.43 -16.20
N TYR A 281 -29.79 -30.06 -14.95
CA TYR A 281 -28.90 -28.92 -14.73
C TYR A 281 -27.59 -29.11 -15.47
N ILE A 282 -26.97 -30.29 -15.35
CA ILE A 282 -25.68 -30.51 -16.02
C ILE A 282 -25.86 -30.45 -17.53
N GLU A 283 -26.96 -31.01 -18.05
CA GLU A 283 -27.16 -31.01 -19.49
C GLU A 283 -27.24 -29.59 -20.02
N LYS A 284 -27.91 -28.69 -19.29
CA LYS A 284 -28.01 -27.31 -19.74
C LYS A 284 -26.66 -26.60 -19.65
N LEU A 285 -25.85 -26.94 -18.65
CA LEU A 285 -24.49 -26.41 -18.57
C LEU A 285 -23.68 -26.82 -19.80
N ALA A 286 -23.79 -28.08 -20.19
CA ALA A 286 -23.10 -28.53 -21.40
C ALA A 286 -23.55 -27.74 -22.63
N VAL A 287 -24.85 -27.46 -22.75
CA VAL A 287 -25.31 -26.63 -23.85
C VAL A 287 -24.72 -25.23 -23.75
N LEU A 288 -24.66 -24.69 -22.53
CA LEU A 288 -24.08 -23.35 -22.33
C LEU A 288 -22.65 -23.29 -22.87
N GLY A 289 -21.90 -24.39 -22.73
CA GLY A 289 -20.52 -24.38 -23.16
C GLY A 289 -20.28 -24.91 -24.54
N LYS A 290 -21.35 -25.08 -25.33
CA LYS A 290 -21.26 -25.74 -26.62
C LYS A 290 -22.01 -24.94 -27.68
N THR A 291 -23.08 -24.26 -27.29
CA THR A 291 -23.89 -23.53 -28.28
C THR A 291 -23.08 -22.42 -28.95
N THR A 292 -23.44 -22.13 -30.20
CA THR A 292 -22.97 -20.96 -30.93
C THR A 292 -24.03 -19.88 -31.04
N ASN A 293 -25.21 -20.12 -30.47
CA ASN A 293 -26.36 -19.23 -30.63
C ASN A 293 -26.41 -18.25 -29.47
N THR A 294 -26.35 -16.96 -29.78
CA THR A 294 -26.40 -15.94 -28.74
C THR A 294 -27.67 -16.05 -27.91
N LYS A 295 -28.83 -16.19 -28.56
CA LYS A 295 -30.09 -16.24 -27.82
C LYS A 295 -30.11 -17.43 -26.86
N GLU A 296 -29.70 -18.62 -27.31
CA GLU A 296 -29.74 -19.80 -26.46
C GLU A 296 -28.75 -19.68 -25.30
N ARG A 297 -27.54 -19.19 -25.58
CA ARG A 297 -26.54 -18.97 -24.53
C ARG A 297 -27.05 -17.99 -23.49
N SER A 298 -27.59 -16.85 -23.94
CA SER A 298 -28.11 -15.82 -23.05
C SER A 298 -29.23 -16.36 -22.17
N ASP A 299 -30.16 -17.11 -22.78
CA ASP A 299 -31.32 -17.64 -22.05
C ASP A 299 -30.90 -18.59 -20.93
N ILE A 300 -29.93 -19.47 -21.19
CA ILE A 300 -29.51 -20.43 -20.17
C ILE A 300 -28.75 -19.72 -19.06
N TYR A 301 -27.83 -18.82 -19.44
CA TYR A 301 -27.07 -18.02 -18.49
C TYR A 301 -28.02 -17.25 -17.57
N ALA A 302 -29.02 -16.58 -18.14
CA ALA A 302 -29.97 -15.82 -17.33
C ALA A 302 -30.81 -16.74 -16.45
N GLU A 303 -31.31 -17.85 -17.01
CA GLU A 303 -32.10 -18.79 -16.22
C GLU A 303 -31.34 -19.28 -15.00
N PHE A 304 -30.07 -19.63 -15.16
CA PHE A 304 -29.35 -20.23 -14.03
C PHE A 304 -28.76 -19.19 -13.08
N PHE A 305 -28.34 -18.02 -13.58
CA PHE A 305 -27.47 -17.14 -12.80
C PHE A 305 -28.03 -15.75 -12.53
N SER A 306 -29.20 -15.39 -13.04
CA SER A 306 -29.73 -14.06 -12.73
C SER A 306 -30.23 -14.01 -11.30
N LYS A 307 -30.36 -12.81 -10.77
CA LYS A 307 -31.19 -12.58 -9.60
C LYS A 307 -32.61 -13.09 -9.88
N ARG A 308 -33.24 -13.72 -8.89
CA ARG A 308 -34.57 -14.29 -9.13
C ARG A 308 -35.55 -13.19 -9.51
N GLY A 309 -36.32 -13.43 -10.56
CA GLY A 309 -37.22 -12.44 -11.10
C GLY A 309 -36.65 -11.56 -12.21
N ARG A 310 -35.33 -11.61 -12.45
CA ARG A 310 -34.71 -10.81 -13.51
C ARG A 310 -34.25 -11.66 -14.69
N GLU A 311 -34.75 -12.89 -14.81
CA GLU A 311 -34.28 -13.80 -15.84
C GLU A 311 -34.53 -13.24 -17.25
N ALA A 312 -35.57 -12.41 -17.42
CA ALA A 312 -35.90 -11.87 -18.75
C ALA A 312 -34.98 -10.71 -19.18
N PHE A 313 -34.33 -10.04 -18.24
CA PHE A 313 -33.49 -8.88 -18.52
C PHE A 313 -31.99 -9.14 -18.37
N PHE A 314 -31.61 -10.14 -17.56
CA PHE A 314 -30.23 -10.33 -17.13
C PHE A 314 -29.27 -10.37 -18.32
N CYS A 315 -29.64 -11.08 -19.38
CA CYS A 315 -28.82 -11.21 -20.57
C CYS A 315 -29.52 -10.64 -21.81
N ALA A 316 -30.38 -9.64 -21.61
CA ALA A 316 -31.09 -9.01 -22.71
C ALA A 316 -30.26 -7.89 -23.32
N HIS A 317 -30.40 -7.70 -24.63
CA HIS A 317 -29.84 -6.57 -25.38
C HIS A 317 -28.34 -6.37 -25.14
N LEU A 318 -27.95 -5.22 -24.59
CA LEU A 318 -26.53 -4.92 -24.36
C LEU A 318 -25.84 -5.98 -23.52
N ASN A 319 -26.60 -6.77 -22.75
CA ASN A 319 -26.03 -7.77 -21.85
C ASN A 319 -26.11 -9.18 -22.41
N GLU A 320 -26.37 -9.31 -23.72
CA GLU A 320 -26.38 -10.62 -24.37
C GLU A 320 -25.03 -11.30 -24.20
N LYS A 321 -25.06 -12.63 -24.15
CA LYS A 321 -23.83 -13.42 -24.06
C LYS A 321 -23.44 -13.77 -25.49
N ARG A 322 -22.62 -12.92 -26.10
CA ARG A 322 -22.24 -13.04 -27.50
C ARG A 322 -20.93 -13.76 -27.72
N GLN A 323 -20.23 -14.13 -26.64
CA GLN A 323 -18.96 -14.80 -26.81
C GLN A 323 -19.04 -16.26 -26.36
N PRO A 324 -18.24 -17.14 -26.97
CA PRO A 324 -18.20 -18.54 -26.51
C PRO A 324 -17.90 -18.62 -25.02
N LEU A 325 -18.53 -19.60 -24.37
CA LEU A 325 -18.31 -19.90 -22.96
C LEU A 325 -17.88 -21.35 -22.82
N ARG A 326 -17.19 -21.63 -21.72
CA ARG A 326 -16.83 -23.00 -21.37
C ARG A 326 -17.02 -23.18 -19.87
N VAL A 327 -17.32 -24.41 -19.49
CA VAL A 327 -17.64 -24.77 -18.11
C VAL A 327 -16.57 -25.75 -17.63
N LYS A 328 -16.00 -25.47 -16.47
CA LYS A 328 -15.06 -26.38 -15.82
C LYS A 328 -15.47 -26.53 -14.36
N PHE A 329 -15.04 -27.63 -13.76
CA PHE A 329 -15.52 -28.01 -12.44
C PHE A 329 -14.45 -28.78 -11.70
N LYS A 330 -14.59 -28.80 -10.37
CA LYS A 330 -13.79 -29.64 -9.51
C LYS A 330 -14.68 -30.06 -8.35
N ILE A 331 -14.41 -31.23 -7.80
CA ILE A 331 -15.35 -31.86 -6.87
C ILE A 331 -14.59 -32.47 -5.70
N THR A 332 -15.22 -32.43 -4.53
CA THR A 332 -14.64 -33.03 -3.33
C THR A 332 -15.75 -33.52 -2.42
N GLU A 333 -15.40 -34.45 -1.54
CA GLU A 333 -16.36 -34.83 -0.52
C GLU A 333 -16.27 -33.86 0.64
N ILE A 334 -17.35 -33.81 1.41
CA ILE A 334 -17.52 -32.91 2.55
C ILE A 334 -17.69 -33.76 3.80
N ASN A 335 -17.07 -33.35 4.90
CA ASN A 335 -17.37 -33.95 6.20
C ASN A 335 -18.43 -33.11 6.90
N PRO A 336 -19.67 -33.57 7.01
CA PRO A 336 -20.72 -32.71 7.58
C PRO A 336 -20.48 -32.31 9.02
N GLU A 337 -19.81 -33.14 9.82
CA GLU A 337 -19.55 -32.77 11.21
C GLU A 337 -18.65 -31.56 11.30
N LEU A 338 -17.62 -31.52 10.45
CA LEU A 338 -16.71 -30.39 10.42
C LEU A 338 -17.41 -29.13 9.91
N ALA A 339 -18.19 -29.26 8.84
CA ALA A 339 -18.92 -28.11 8.28
C ALA A 339 -19.89 -27.52 9.31
N LEU A 340 -20.65 -28.38 10.00
CA LEU A 340 -21.57 -27.90 11.04
C LEU A 340 -20.83 -27.24 12.19
N LYS A 341 -19.63 -27.71 12.51
CA LYS A 341 -18.82 -27.06 13.53
C LYS A 341 -18.32 -25.69 13.08
N ASN A 342 -17.88 -25.60 11.82
CA ASN A 342 -17.50 -24.29 11.27
C ASN A 342 -18.68 -23.32 11.29
N LEU A 343 -19.86 -23.78 10.91
CA LEU A 343 -21.05 -22.94 10.93
C LEU A 343 -21.41 -22.54 12.35
N GLN A 344 -21.29 -23.46 13.31
CA GLN A 344 -21.60 -23.10 14.69
C GLN A 344 -20.59 -22.10 15.25
N GLU A 345 -19.31 -22.21 14.87
CA GLU A 345 -18.33 -21.23 15.31
C GLU A 345 -18.59 -19.86 14.69
N THR A 346 -19.08 -19.83 13.45
CA THR A 346 -19.49 -18.55 12.87
C THR A 346 -20.70 -17.98 13.61
N GLN A 347 -21.65 -18.85 13.98
CA GLN A 347 -22.82 -18.40 14.73
C GLN A 347 -22.42 -17.80 16.07
N GLU A 348 -21.43 -18.41 16.75
CA GLU A 348 -20.95 -17.88 18.02
C GLU A 348 -20.30 -16.50 17.85
N PHE A 349 -19.56 -16.31 16.76
CA PHE A 349 -19.00 -14.98 16.45
C PHE A 349 -20.13 -13.97 16.25
N ILE A 350 -21.17 -14.35 15.51
CA ILE A 350 -22.31 -13.47 15.28
C ILE A 350 -23.03 -13.16 16.60
N ASP A 351 -23.24 -14.20 17.43
CA ASP A 351 -23.98 -14.05 18.69
C ASP A 351 -23.35 -13.01 19.60
N THR A 352 -22.04 -12.80 19.49
CA THR A 352 -21.38 -11.82 20.37
C THR A 352 -21.68 -10.38 19.98
N HIS A 353 -22.24 -10.13 18.78
CA HIS A 353 -22.52 -8.75 18.38
C HIS A 353 -23.80 -8.27 19.04
N PRO A 354 -23.79 -7.08 19.65
CA PRO A 354 -25.03 -6.51 20.20
C PRO A 354 -26.09 -6.42 19.12
N GLY A 355 -27.33 -6.71 19.50
CA GLY A 355 -28.44 -6.58 18.59
C GLY A 355 -29.48 -7.65 18.82
N GLU A 356 -30.75 -7.22 18.97
CA GLU A 356 -31.82 -8.14 19.28
C GLU A 356 -32.16 -9.04 18.09
N ASN A 357 -32.41 -8.43 16.91
CA ASN A 357 -32.68 -9.13 15.65
C ASN A 357 -31.41 -9.29 14.84
N PRO A 358 -31.36 -10.26 13.92
CA PRO A 358 -30.21 -10.34 13.01
C PRO A 358 -29.93 -9.03 12.27
N SER A 359 -30.98 -8.32 11.84
CA SER A 359 -30.79 -7.03 11.17
C SER A 359 -30.06 -6.04 12.08
N ASP A 360 -30.38 -6.04 13.38
CA ASP A 360 -29.68 -5.21 14.36
C ASP A 360 -28.19 -5.55 14.44
N LYS A 361 -27.86 -6.85 14.42
CA LYS A 361 -26.46 -7.24 14.52
C LYS A 361 -25.69 -6.87 13.26
N VAL A 362 -26.33 -6.98 12.09
CA VAL A 362 -25.65 -6.57 10.85
C VAL A 362 -25.35 -5.08 10.89
N GLU A 363 -26.29 -4.26 11.39
CA GLU A 363 -26.04 -2.82 11.53
C GLU A 363 -24.93 -2.53 12.52
N ASN A 364 -24.87 -3.29 13.63
CA ASN A 364 -23.76 -3.12 14.57
C ASN A 364 -22.43 -3.39 13.88
N TYR A 365 -22.37 -4.47 13.08
CA TYR A 365 -21.15 -4.83 12.36
C TYR A 365 -20.75 -3.73 11.37
N ARG A 366 -21.72 -3.27 10.57
CA ARG A 366 -21.45 -2.19 9.61
C ARG A 366 -20.96 -0.94 10.31
N ASN A 367 -21.61 -0.57 11.42
CA ASN A 367 -21.24 0.68 12.09
C ASN A 367 -19.83 0.59 12.68
N ARG A 368 -19.45 -0.58 13.21
CA ARG A 368 -18.12 -0.73 13.76
C ARG A 368 -17.06 -0.79 12.67
N ALA A 369 -17.37 -1.34 11.50
CA ALA A 369 -16.41 -1.32 10.39
C ALA A 369 -16.19 0.10 9.88
N LYS A 370 -17.26 0.89 9.81
CA LYS A 370 -17.12 2.29 9.37
C LYS A 370 -16.28 3.10 10.35
N LEU A 371 -16.55 2.96 11.64
CA LEU A 371 -15.75 3.65 12.65
C LEU A 371 -14.28 3.26 12.54
N ALA A 372 -14.01 1.95 12.43
CA ALA A 372 -12.62 1.50 12.33
C ALA A 372 -11.96 2.04 11.07
N MET A 373 -12.67 2.01 9.96
CA MET A 373 -12.13 2.57 8.71
C MET A 373 -11.79 4.05 8.88
N THR A 374 -12.71 4.82 9.46
CA THR A 374 -12.51 6.27 9.57
C THR A 374 -11.34 6.59 10.51
N GLU A 375 -11.31 5.94 11.68
CA GLU A 375 -10.23 6.21 12.62
C GLU A 375 -8.88 5.77 12.05
N HIS A 376 -8.84 4.64 11.34
CA HIS A 376 -7.58 4.17 10.77
C HIS A 376 -7.10 5.12 9.68
N LEU A 377 -8.01 5.62 8.84
CA LEU A 377 -7.64 6.57 7.81
C LEU A 377 -7.13 7.88 8.42
N GLU A 378 -7.82 8.38 9.44
CA GLU A 378 -7.40 9.63 10.07
C GLU A 378 -6.04 9.45 10.76
N SER A 379 -5.81 8.28 11.36
CA SER A 379 -4.54 8.02 12.03
C SER A 379 -3.41 7.95 11.02
N LEU A 380 -3.59 7.17 9.95
CA LEU A 380 -2.51 6.96 9.00
C LEU A 380 -2.12 8.25 8.29
N LEU A 381 -3.05 9.20 8.15
CA LEU A 381 -2.77 10.43 7.40
C LEU A 381 -2.48 11.63 8.28
N ASP A 382 -2.54 11.48 9.61
CA ASP A 382 -2.39 12.59 10.55
C ASP A 382 -3.42 13.71 10.30
N SER B 3 30.55 32.57 -11.31
CA SER B 3 29.19 32.35 -11.83
C SER B 3 28.14 32.72 -10.78
N PRO B 4 26.95 33.14 -11.24
CA PRO B 4 25.90 33.52 -10.27
C PRO B 4 25.49 32.37 -9.36
N GLY B 5 25.44 31.15 -9.88
CA GLY B 5 25.15 30.00 -9.02
C GLY B 5 26.18 29.80 -7.92
N PHE B 6 27.47 30.00 -8.25
CA PHE B 6 28.48 29.90 -7.21
C PHE B 6 28.38 31.03 -6.19
N MET B 7 27.99 32.23 -6.63
CA MET B 7 27.78 33.33 -5.67
C MET B 7 26.75 32.96 -4.61
N VAL B 8 25.76 32.14 -4.96
CA VAL B 8 24.78 31.70 -3.96
C VAL B 8 25.47 30.87 -2.88
N HIS B 9 26.32 29.93 -3.28
CA HIS B 9 27.02 29.11 -2.30
C HIS B 9 27.88 29.97 -1.39
N LYS B 10 28.68 30.87 -1.97
CA LYS B 10 29.59 31.69 -1.19
C LYS B 10 28.85 32.56 -0.17
N LYS B 11 27.70 33.11 -0.55
CA LYS B 11 26.98 34.01 0.35
C LYS B 11 26.24 33.24 1.43
N LEU B 12 25.60 32.13 1.07
CA LEU B 12 24.95 31.28 2.06
C LEU B 12 25.96 30.80 3.10
N LYS B 13 27.14 30.38 2.64
CA LYS B 13 28.16 29.87 3.56
C LYS B 13 28.67 30.99 4.47
N SER B 14 29.02 32.14 3.88
CA SER B 14 29.53 33.26 4.65
C SER B 14 28.50 33.75 5.67
N MET B 15 27.24 33.87 5.26
CA MET B 15 26.20 34.37 6.16
C MET B 15 25.95 33.39 7.30
N SER B 16 25.84 32.10 6.98
CA SER B 16 25.59 31.12 8.05
C SER B 16 26.75 31.07 9.04
N GLN B 17 28.00 31.17 8.55
CA GLN B 17 29.16 31.20 9.44
C GLN B 17 29.05 32.33 10.45
N SER B 18 28.54 33.48 10.02
CA SER B 18 28.50 34.65 10.88
C SER B 18 27.26 34.74 11.75
N TYR B 19 26.10 34.25 11.29
CA TYR B 19 24.84 34.64 11.92
C TYR B 19 24.01 33.50 12.49
N GLY B 20 24.41 32.24 12.30
CA GLY B 20 23.76 31.11 12.94
C GLY B 20 22.24 31.10 12.91
N VAL B 21 21.63 31.17 14.09
CA VAL B 21 20.18 31.01 14.22
C VAL B 21 19.40 32.07 13.44
N MET B 22 20.01 33.22 13.15
CA MET B 22 19.28 34.31 12.49
C MET B 22 18.91 33.97 11.05
N MET B 23 19.56 32.97 10.44
CA MET B 23 19.31 32.63 9.05
C MET B 23 17.90 32.12 8.78
N THR B 24 17.14 31.72 9.82
CA THR B 24 15.74 31.35 9.62
C THR B 24 14.87 32.51 9.20
N GLY B 25 15.26 33.74 9.50
CA GLY B 25 14.44 34.89 9.19
C GLY B 25 13.26 35.13 10.11
N VAL B 26 13.16 34.40 11.22
CA VAL B 26 12.04 34.50 12.14
C VAL B 26 12.32 35.64 13.11
N PRO B 27 11.45 36.65 13.23
CA PRO B 27 11.72 37.74 14.17
C PRO B 27 11.87 37.19 15.59
N ALA B 28 12.76 37.82 16.36
CA ALA B 28 13.09 37.31 17.69
C ALA B 28 11.86 37.22 18.59
N GLU B 29 10.99 38.23 18.54
CA GLU B 29 9.80 38.20 19.40
C GLU B 29 8.88 37.04 19.04
N VAL B 30 8.77 36.74 17.75
CA VAL B 30 7.97 35.61 17.29
C VAL B 30 8.56 34.30 17.80
N LEU B 31 9.87 34.12 17.61
CA LEU B 31 10.57 32.95 18.14
C LEU B 31 10.31 32.78 19.63
N GLY B 32 10.49 33.87 20.40
CA GLY B 32 10.30 33.78 21.84
C GLY B 32 8.88 33.41 22.24
N GLN B 33 7.89 34.01 21.58
CA GLN B 33 6.50 33.68 21.90
C GLN B 33 6.19 32.22 21.56
N MET B 34 6.76 31.70 20.47
CA MET B 34 6.47 30.30 20.16
C MET B 34 7.17 29.37 21.15
N GLN B 35 8.37 29.74 21.59
CA GLN B 35 9.05 28.98 22.63
C GLN B 35 8.22 28.93 23.92
N ALA B 36 7.67 30.08 24.32
CA ALA B 36 6.78 30.14 25.48
C ALA B 36 5.57 29.21 25.30
N GLU B 37 4.90 29.30 24.16
CA GLU B 37 3.69 28.53 23.94
C GLU B 37 3.98 27.03 23.89
N ARG B 38 5.18 26.63 23.46
CA ARG B 38 5.54 25.22 23.54
C ARG B 38 5.91 24.79 24.96
N SER B 39 6.26 25.73 25.84
CA SER B 39 6.57 25.41 27.24
C SER B 39 5.34 25.36 28.14
N ILE B 40 4.24 26.03 27.74
CA ILE B 40 3.03 26.07 28.57
C ILE B 40 2.59 24.68 29.05
N PRO B 41 2.45 23.67 28.18
CA PRO B 41 2.01 22.35 28.68
C PRO B 41 2.92 21.74 29.72
N SER B 42 4.18 22.18 29.82
CA SER B 42 5.11 21.65 30.80
C SER B 42 4.99 22.31 32.17
N ILE B 43 4.11 23.29 32.33
CA ILE B 43 3.99 24.03 33.58
C ILE B 43 2.75 23.55 34.31
N ASN B 44 2.95 22.99 35.50
CA ASN B 44 1.84 22.61 36.37
C ASN B 44 1.23 23.88 36.97
N LYS B 45 -0.01 24.19 36.61
CA LYS B 45 -0.58 25.48 36.97
C LYS B 45 -0.95 25.59 38.44
N THR B 46 -1.09 24.47 39.15
CA THR B 46 -1.35 24.53 40.58
C THR B 46 -0.08 24.87 41.36
N GLY B 47 1.09 24.51 40.83
CA GLY B 47 2.35 24.67 41.54
C GLY B 47 2.86 26.09 41.56
N ASN B 48 4.19 26.19 41.73
CA ASN B 48 4.89 27.48 41.79
C ASN B 48 5.11 27.98 40.36
N LEU B 49 4.34 29.00 39.96
CA LEU B 49 4.41 29.48 38.58
C LEU B 49 5.70 30.25 38.31
N LYS B 50 6.10 31.15 39.22
CA LYS B 50 7.31 31.92 39.00
C LYS B 50 8.54 31.01 38.88
N GLN B 51 8.57 29.92 39.64
CA GLN B 51 9.70 29.01 39.58
C GLN B 51 9.69 28.17 38.31
N GLN B 52 8.52 27.65 37.91
CA GLN B 52 8.47 26.83 36.70
C GLN B 52 8.75 27.65 35.46
N ILE B 53 8.31 28.92 35.43
CA ILE B 53 8.64 29.80 34.32
C ILE B 53 10.15 29.96 34.20
N ALA B 54 10.82 30.24 35.34
CA ALA B 54 12.27 30.41 35.31
C ALA B 54 12.96 29.15 34.81
N LYS B 55 12.47 27.99 35.24
CA LYS B 55 13.05 26.72 34.79
C LYS B 55 12.85 26.52 33.29
N GLU B 56 11.66 26.84 32.78
CA GLU B 56 11.40 26.65 31.36
C GLU B 56 12.23 27.59 30.51
N VAL B 57 12.38 28.85 30.95
CA VAL B 57 13.16 29.82 30.19
C VAL B 57 14.62 29.42 30.17
N SER B 58 15.15 28.96 31.31
CA SER B 58 16.52 28.48 31.38
C SER B 58 16.75 27.30 30.45
N LYS B 59 15.79 26.37 30.37
CA LYS B 59 15.96 25.21 29.50
C LYS B 59 16.10 25.62 28.05
N VAL B 60 15.17 26.44 27.55
CA VAL B 60 15.18 26.83 26.15
C VAL B 60 16.41 27.68 25.82
N CYS B 61 16.79 28.58 26.73
CA CYS B 61 17.95 29.44 26.45
C CYS B 61 19.26 28.67 26.49
N HIS B 62 19.34 27.62 27.32
CA HIS B 62 20.43 26.66 27.23
C HIS B 62 20.54 26.11 25.82
N MET B 63 19.42 25.60 25.29
CA MET B 63 19.42 24.99 23.97
C MET B 63 19.84 25.96 22.88
N MET B 64 19.57 27.26 23.07
CA MET B 64 19.96 28.26 22.07
C MET B 64 21.47 28.42 21.97
N THR B 65 22.24 27.97 22.96
CA THR B 65 23.70 28.07 22.90
C THR B 65 24.37 26.72 22.68
N GLU B 66 23.60 25.69 22.36
CA GLU B 66 24.08 24.33 22.19
C GLU B 66 23.68 23.83 20.80
N PRO B 67 24.29 22.74 20.31
CA PRO B 67 23.87 22.17 19.01
C PRO B 67 22.50 21.52 19.10
N THR B 68 21.45 22.32 18.96
CA THR B 68 20.07 21.84 19.01
C THR B 68 19.32 22.08 17.71
N GLN B 69 20.03 22.42 16.63
CA GLN B 69 19.40 22.48 15.31
C GLN B 69 19.35 21.08 14.73
N SER B 70 18.16 20.63 14.32
CA SER B 70 18.02 19.33 13.68
C SER B 70 18.49 19.40 12.22
N CYS B 71 18.88 18.23 11.70
CA CYS B 71 19.25 18.13 10.29
C CYS B 71 18.11 18.53 9.38
N GLY B 72 16.87 18.19 9.74
CA GLY B 72 15.73 18.57 8.94
C GLY B 72 15.48 20.07 8.91
N GLN B 73 15.65 20.74 10.05
CA GLN B 73 15.55 22.20 10.09
C GLN B 73 16.57 22.85 9.17
N ALA B 74 17.83 22.39 9.23
CA ALA B 74 18.85 22.93 8.35
C ALA B 74 18.49 22.74 6.89
N SER B 75 17.99 21.56 6.52
CA SER B 75 17.59 21.34 5.14
C SER B 75 16.41 22.23 4.75
N ASN B 76 15.46 22.43 5.68
CA ASN B 76 14.33 23.34 5.43
C ASN B 76 14.80 24.75 5.18
N ASP B 77 15.80 25.21 5.95
CA ASP B 77 16.33 26.56 5.80
C ASP B 77 17.05 26.72 4.47
N VAL B 78 17.88 25.73 4.10
CA VAL B 78 18.56 25.78 2.81
C VAL B 78 17.55 25.80 1.66
N CYS B 79 16.55 24.91 1.70
CA CYS B 79 15.54 24.86 0.64
C CYS B 79 14.76 26.17 0.53
N GLU B 80 14.34 26.70 1.68
CA GLU B 80 13.58 27.95 1.69
C GLU B 80 14.40 29.09 1.10
N LEU B 81 15.67 29.20 1.48
CA LEU B 81 16.51 30.28 0.98
C LEU B 81 16.78 30.13 -0.51
N LEU B 82 16.99 28.90 -0.99
CA LEU B 82 17.39 28.74 -2.39
C LEU B 82 16.19 28.73 -3.33
N LEU B 83 15.01 28.32 -2.87
CA LEU B 83 13.83 28.22 -3.72
C LEU B 83 12.78 29.30 -3.50
N GLY B 84 12.80 29.96 -2.34
CA GLY B 84 11.68 30.77 -1.93
C GLY B 84 10.54 29.89 -1.43
N LYS B 85 9.68 30.50 -0.60
CA LYS B 85 8.72 29.68 0.15
C LYS B 85 7.76 28.97 -0.78
N ILE B 86 7.37 29.60 -1.89
CA ILE B 86 6.40 28.99 -2.79
C ILE B 86 6.96 27.73 -3.44
N GLU B 87 8.17 27.82 -3.97
CA GLU B 87 8.74 26.64 -4.60
C GLU B 87 9.21 25.64 -3.55
N ALA B 88 9.52 26.11 -2.34
CA ALA B 88 9.93 25.19 -1.29
C ALA B 88 8.76 24.32 -0.82
N GLU B 89 7.55 24.86 -0.74
CA GLU B 89 6.45 23.94 -0.43
C GLU B 89 6.23 22.92 -1.54
N LYS B 90 6.37 23.32 -2.81
CA LYS B 90 6.23 22.37 -3.90
C LYS B 90 7.25 21.26 -3.77
N PHE B 91 8.54 21.62 -3.64
CA PHE B 91 9.62 20.66 -3.45
C PHE B 91 9.33 19.73 -2.28
N HIS B 92 8.77 20.28 -1.20
CA HIS B 92 8.50 19.49 -0.02
C HIS B 92 7.52 18.34 -0.29
N PHE B 93 6.49 18.58 -1.11
CA PHE B 93 5.53 17.55 -1.46
C PHE B 93 5.97 16.68 -2.63
N THR B 94 7.10 16.99 -3.28
CA THR B 94 7.66 16.08 -4.26
C THR B 94 8.08 14.78 -3.57
N LYS B 95 7.95 13.66 -4.28
CA LYS B 95 8.31 12.38 -3.70
C LYS B 95 9.81 12.13 -3.76
N TYR B 96 10.31 11.41 -2.78
CA TYR B 96 11.70 10.97 -2.77
C TYR B 96 11.86 9.75 -3.67
N GLU B 97 13.05 9.58 -4.21
CA GLU B 97 13.38 8.40 -5.01
C GLU B 97 14.48 7.64 -4.31
N ALA B 98 14.30 6.32 -4.15
CA ALA B 98 15.33 5.51 -3.54
C ALA B 98 16.58 5.53 -4.41
N LEU B 99 17.73 5.69 -3.77
CA LEU B 99 19.00 5.67 -4.50
C LEU B 99 19.26 4.27 -5.04
N SER B 100 19.72 4.21 -6.31
CA SER B 100 20.14 2.97 -6.97
C SER B 100 21.08 2.13 -6.12
N ALA B 101 21.16 0.83 -6.44
CA ALA B 101 22.08 -0.06 -5.72
C ALA B 101 23.51 0.44 -5.80
N ASP B 102 23.87 1.12 -6.88
CA ASP B 102 25.22 1.66 -7.02
C ASP B 102 25.19 3.17 -7.29
N GLY B 103 24.05 3.81 -7.05
CA GLY B 103 23.90 5.23 -7.28
C GLY B 103 23.70 5.65 -8.72
N ASP B 104 23.42 4.71 -9.62
CA ASP B 104 23.39 5.06 -11.04
C ASP B 104 22.20 5.95 -11.39
N ASN B 105 21.05 5.79 -10.73
CA ASN B 105 19.90 6.59 -11.14
C ASN B 105 20.14 8.08 -10.87
N LEU B 106 20.83 8.40 -9.76
CA LEU B 106 21.17 9.80 -9.49
C LEU B 106 22.32 10.29 -10.37
N LYS B 107 23.34 9.44 -10.59
CA LYS B 107 24.44 9.82 -11.46
C LYS B 107 23.96 10.11 -12.88
N ASN B 108 22.94 9.36 -13.34
CA ASN B 108 22.43 9.58 -14.68
C ASN B 108 21.68 10.91 -14.80
N VAL B 109 20.92 11.28 -13.77
CA VAL B 109 20.28 12.60 -13.76
C VAL B 109 21.34 13.69 -13.89
N LEU B 110 22.41 13.59 -13.11
CA LEU B 110 23.47 14.60 -13.16
C LEU B 110 24.20 14.57 -14.51
N GLU B 111 24.20 13.42 -15.19
CA GLU B 111 24.87 13.33 -16.49
C GLU B 111 24.07 14.03 -17.59
N ASN B 112 22.74 14.08 -17.45
CA ASN B 112 21.86 14.67 -18.46
C ASN B 112 21.64 16.16 -18.28
N THR B 113 22.43 16.81 -17.43
CA THR B 113 22.27 18.23 -17.15
C THR B 113 23.55 18.95 -17.54
N ALA B 114 23.41 20.07 -18.23
CA ALA B 114 24.55 20.83 -18.71
C ALA B 114 25.27 21.47 -17.54
N PRO B 115 26.48 21.04 -17.18
CA PRO B 115 27.16 21.64 -16.03
C PRO B 115 27.31 23.14 -16.13
N SER B 116 27.33 23.69 -17.34
CA SER B 116 27.58 25.11 -17.55
C SER B 116 26.31 25.95 -17.55
N SER B 117 25.12 25.34 -17.45
CA SER B 117 23.91 26.15 -17.58
C SER B 117 22.80 25.73 -16.63
N THR B 118 23.10 25.03 -15.53
CA THR B 118 22.07 24.63 -14.59
C THR B 118 22.63 24.67 -13.18
N ASN B 119 21.75 24.98 -12.23
CA ASN B 119 22.06 25.00 -10.80
C ASN B 119 21.12 24.02 -10.11
N LEU B 120 21.68 23.04 -9.39
CA LEU B 120 20.92 21.93 -8.85
C LEU B 120 20.97 21.91 -7.32
N LEU B 121 19.84 21.58 -6.72
CA LEU B 121 19.74 21.33 -5.28
C LEU B 121 19.20 19.92 -5.10
N ILE B 122 19.91 19.10 -4.33
CA ILE B 122 19.48 17.75 -4.00
C ILE B 122 19.20 17.68 -2.50
N ARG B 123 18.06 17.13 -2.13
CA ARG B 123 17.76 16.87 -0.72
C ARG B 123 17.76 15.37 -0.49
N PHE B 124 18.49 14.93 0.53
CA PHE B 124 18.58 13.53 0.91
C PHE B 124 17.95 13.28 2.27
N GLU B 125 17.39 12.07 2.41
CA GLU B 125 16.95 11.56 3.70
C GLU B 125 17.52 10.15 3.85
N ILE B 126 17.99 9.85 5.04
CA ILE B 126 18.54 8.54 5.36
C ILE B 126 17.66 7.95 6.45
N ASP B 127 17.05 6.80 6.17
CA ASP B 127 16.17 6.10 7.11
C ASP B 127 16.89 4.88 7.67
N ARG B 128 16.51 4.49 8.88
CA ARG B 128 17.00 3.26 9.49
C ARG B 128 15.82 2.32 9.77
N GLU B 129 16.06 1.03 9.61
CA GLU B 129 15.02 0.01 9.75
C GLU B 129 14.91 -0.40 11.22
N ASP B 130 13.77 -0.10 11.85
CA ASP B 130 13.59 -0.23 13.30
C ASP B 130 12.32 -1.01 13.64
N PRO B 131 12.28 -2.31 13.34
CA PRO B 131 11.05 -3.11 13.62
C PRO B 131 10.86 -3.34 15.12
N PRO B 132 9.65 -3.70 15.56
CA PRO B 132 9.46 -4.03 16.97
C PRO B 132 10.27 -5.25 17.36
N ILE B 133 10.64 -5.31 18.65
CA ILE B 133 11.37 -6.46 19.19
C ILE B 133 10.73 -7.02 20.45
N VAL B 134 9.62 -6.45 20.90
CA VAL B 134 9.01 -6.78 22.19
C VAL B 134 7.52 -7.00 22.03
N LEU B 135 7.01 -8.02 22.71
CA LEU B 135 5.58 -8.25 22.89
C LEU B 135 5.21 -7.96 24.33
N VAL B 136 4.09 -7.28 24.53
CA VAL B 136 3.59 -6.98 25.87
C VAL B 136 2.21 -7.59 26.03
N LYS B 137 2.05 -8.47 27.02
CA LYS B 137 0.75 -9.02 27.37
C LYS B 137 0.13 -8.14 28.45
N THR B 138 -1.06 -7.61 28.18
CA THR B 138 -1.72 -6.71 29.12
C THR B 138 -3.22 -6.98 29.12
N LYS B 139 -3.82 -6.83 30.29
CA LYS B 139 -5.27 -6.86 30.38
C LYS B 139 -5.86 -5.66 29.67
N ASN B 140 -7.04 -5.86 29.07
CA ASN B 140 -7.70 -4.80 28.33
C ASN B 140 -7.90 -3.54 29.17
N GLU B 141 -8.14 -3.71 30.47
CA GLU B 141 -8.41 -2.59 31.36
C GLU B 141 -7.16 -1.76 31.68
N ASN B 142 -5.96 -2.20 31.27
CA ASN B 142 -4.74 -1.43 31.51
C ASN B 142 -4.10 -0.94 30.21
N PHE B 143 -4.81 -1.04 29.08
CA PHE B 143 -4.27 -0.70 27.77
C PHE B 143 -4.95 0.56 27.26
N ASN B 144 -4.18 1.64 27.18
CA ASN B 144 -4.60 2.89 26.55
C ASN B 144 -3.77 3.08 25.30
N PRO B 145 -4.36 2.94 24.10
CA PRO B 145 -3.56 3.05 22.86
C PRO B 145 -2.91 4.41 22.65
N GLU B 146 -3.39 5.47 23.31
CA GLU B 146 -2.78 6.79 23.11
C GLU B 146 -1.56 7.02 23.99
N THR B 147 -1.44 6.30 25.10
CA THR B 147 -0.31 6.44 26.00
C THR B 147 0.65 5.25 26.00
N ALA B 148 0.24 4.11 25.45
CA ALA B 148 1.13 2.95 25.41
C ALA B 148 2.41 3.25 24.64
N VAL B 149 3.51 2.60 25.05
CA VAL B 149 4.78 2.79 24.39
C VAL B 149 4.69 2.29 22.95
N LYS B 150 5.29 3.04 22.03
CA LYS B 150 5.17 2.78 20.61
C LYS B 150 6.18 1.73 20.13
N ASN B 151 5.92 1.19 18.94
CA ASN B 151 6.78 0.20 18.29
C ASN B 151 6.86 -1.10 19.09
N LYS B 152 5.71 -1.57 19.58
CA LYS B 152 5.61 -2.85 20.29
C LYS B 152 4.33 -3.54 19.85
N ILE B 153 4.32 -4.86 19.99
CA ILE B 153 3.11 -5.65 19.81
C ILE B 153 2.43 -5.80 21.17
N TYR B 154 1.10 -5.65 21.18
CA TYR B 154 0.31 -5.76 22.40
C TYR B 154 -0.70 -6.89 22.24
N LEU B 155 -0.72 -7.79 23.23
CA LEU B 155 -1.64 -8.92 23.28
C LEU B 155 -2.61 -8.69 24.43
N LEU B 156 -3.88 -8.48 24.10
CA LEU B 156 -4.94 -8.37 25.09
C LEU B 156 -5.75 -9.67 25.10
N GLU B 157 -6.70 -9.75 26.04
CA GLU B 157 -7.56 -10.93 26.06
C GLU B 157 -8.38 -11.06 24.79
N ASN B 158 -8.71 -9.95 24.13
CA ASN B 158 -9.60 -10.00 22.98
C ASN B 158 -9.07 -9.33 21.72
N LYS B 159 -7.84 -8.82 21.74
CA LYS B 159 -7.23 -8.14 20.60
C LYS B 159 -5.76 -8.46 20.54
N LEU B 160 -5.19 -8.45 19.33
CA LEU B 160 -3.75 -8.47 19.11
C LEU B 160 -3.38 -7.26 18.26
N TYR B 161 -2.56 -6.36 18.79
CA TYR B 161 -2.28 -5.07 18.17
C TYR B 161 -0.80 -4.87 17.91
N PHE B 162 -0.48 -4.09 16.88
CA PHE B 162 0.85 -3.51 16.70
C PHE B 162 0.69 -1.99 16.72
N ILE B 163 1.46 -1.31 17.57
CA ILE B 163 1.54 0.15 17.56
C ILE B 163 2.87 0.53 16.90
N ASP B 164 2.80 1.29 15.82
CA ASP B 164 4.00 1.56 15.04
C ASP B 164 4.73 2.79 15.60
N LYS B 165 5.81 3.18 14.91
CA LYS B 165 6.64 4.29 15.39
C LYS B 165 5.83 5.58 15.56
N MET B 166 4.82 5.80 14.72
CA MET B 166 4.01 7.00 14.78
C MET B 166 2.83 6.90 15.73
N GLY B 167 2.62 5.75 16.35
CA GLY B 167 1.45 5.54 17.18
C GLY B 167 0.21 5.05 16.46
N ASN B 168 0.31 4.64 15.20
CA ASN B 168 -0.84 4.05 14.52
C ASN B 168 -1.13 2.68 15.13
N LEU B 169 -2.41 2.38 15.32
CA LEU B 169 -2.82 1.12 15.95
C LEU B 169 -3.31 0.15 14.88
N PHE B 170 -2.57 -0.95 14.69
CA PHE B 170 -2.91 -1.95 13.68
C PHE B 170 -3.47 -3.19 14.38
N ASN B 171 -4.70 -3.56 14.02
CA ASN B 171 -5.28 -4.83 14.44
C ASN B 171 -4.66 -5.93 13.59
N LEU B 172 -4.01 -6.90 14.25
CA LEU B 172 -3.30 -7.92 13.48
C LEU B 172 -4.20 -9.06 12.99
N GLY B 173 -5.49 -9.08 13.31
CA GLY B 173 -6.38 -10.03 12.66
C GLY B 173 -7.15 -11.02 13.53
N PRO B 174 -6.49 -11.69 14.48
CA PRO B 174 -7.19 -12.76 15.21
C PRO B 174 -8.41 -12.25 15.97
N GLY B 175 -9.46 -13.09 15.97
CA GLY B 175 -10.66 -12.80 16.72
C GLY B 175 -10.49 -13.09 18.22
N LYS B 176 -11.58 -12.88 18.96
CA LYS B 176 -11.49 -12.90 20.43
C LYS B 176 -11.05 -14.26 20.95
N LYS B 177 -11.59 -15.34 20.39
CA LYS B 177 -11.28 -16.67 20.91
C LYS B 177 -9.80 -16.98 20.74
N LYS B 178 -9.22 -16.64 19.59
CA LYS B 178 -7.80 -16.89 19.37
C LYS B 178 -6.93 -16.03 20.28
N CYS B 179 -7.34 -14.78 20.51
CA CYS B 179 -6.60 -13.91 21.41
C CYS B 179 -6.60 -14.44 22.84
N THR B 180 -7.75 -14.94 23.33
CA THR B 180 -7.70 -15.45 24.69
C THR B 180 -6.90 -16.74 24.79
N GLN B 181 -6.88 -17.55 23.72
CA GLN B 181 -6.01 -18.73 23.71
C GLN B 181 -4.55 -18.33 23.87
N LEU B 182 -4.10 -17.35 23.07
CA LEU B 182 -2.72 -16.87 23.18
C LEU B 182 -2.46 -16.24 24.55
N PHE B 183 -3.39 -15.39 25.00
CA PHE B 183 -3.29 -14.75 26.30
C PHE B 183 -3.10 -15.78 27.43
N ASN B 184 -3.95 -16.80 27.49
CA ASN B 184 -3.85 -17.78 28.56
C ASN B 184 -2.62 -18.68 28.42
N ALA B 185 -2.07 -18.82 27.22
CA ALA B 185 -0.91 -19.69 27.04
C ALA B 185 0.38 -19.03 27.54
N ILE B 186 0.43 -17.73 27.55
CA ILE B 186 1.62 -16.98 27.92
C ILE B 186 1.57 -16.68 29.41
N GLY B 187 2.75 -16.58 30.05
CA GLY B 187 2.85 -16.39 31.49
C GLY B 187 2.62 -14.97 31.96
N ASP B 188 3.25 -14.63 33.09
CA ASP B 188 3.00 -13.39 33.82
C ASP B 188 4.10 -12.34 33.68
N SER B 189 5.09 -12.54 32.81
CA SER B 189 6.17 -11.56 32.69
C SER B 189 5.67 -10.26 32.06
N ALA B 190 6.43 -9.19 32.28
CA ALA B 190 6.08 -7.88 31.74
C ALA B 190 6.08 -7.94 30.20
N GLU B 191 7.26 -8.16 29.64
CA GLU B 191 7.45 -8.19 28.20
C GLU B 191 8.12 -9.49 27.80
N TYR B 192 8.01 -9.81 26.52
CA TYR B 192 8.63 -10.99 25.94
C TYR B 192 9.31 -10.60 24.66
N SER B 193 10.42 -11.28 24.35
CA SER B 193 11.19 -10.96 23.16
C SER B 193 10.58 -11.62 21.92
N LEU B 194 10.56 -10.87 20.83
CA LEU B 194 10.12 -11.36 19.54
C LEU B 194 11.25 -11.95 18.70
N CYS B 195 12.49 -11.93 19.20
CA CYS B 195 13.61 -12.41 18.39
C CYS B 195 14.48 -13.41 19.15
N ASP B 196 13.94 -14.07 20.17
CA ASP B 196 14.67 -15.14 20.85
C ASP B 196 14.73 -16.35 19.94
N PRO B 197 15.89 -16.69 19.37
CA PRO B 197 15.94 -17.76 18.37
C PRO B 197 15.66 -19.15 18.95
N PHE B 198 15.67 -19.31 20.26
CA PHE B 198 15.33 -20.61 20.85
C PHE B 198 13.84 -20.72 21.15
N VAL B 199 13.16 -19.62 21.47
CA VAL B 199 11.70 -19.64 21.57
C VAL B 199 11.11 -19.95 20.20
N LEU B 200 11.47 -19.17 19.19
CA LEU B 200 11.22 -19.55 17.81
C LEU B 200 12.11 -20.75 17.46
N GLU B 201 11.70 -21.51 16.45
CA GLU B 201 12.49 -22.62 15.94
C GLU B 201 12.64 -23.80 16.91
N GLU B 202 12.79 -23.54 18.22
CA GLU B 202 12.88 -24.62 19.22
C GLU B 202 11.89 -24.42 20.38
N PRO B 203 10.59 -24.24 20.08
CA PRO B 203 9.63 -24.03 21.17
C PRO B 203 9.33 -25.32 21.92
N GLU B 204 9.23 -25.22 23.25
CA GLU B 204 8.98 -26.39 24.06
C GLU B 204 7.74 -26.30 24.94
N LYS B 205 7.39 -25.11 25.43
CA LYS B 205 6.23 -24.93 26.29
C LYS B 205 5.10 -24.22 25.54
N PRO B 206 3.85 -24.32 26.03
CA PRO B 206 2.75 -23.57 25.40
C PRO B 206 3.05 -22.10 25.18
N GLU B 207 3.73 -21.46 26.13
CA GLU B 207 4.08 -20.05 25.98
C GLU B 207 5.00 -19.81 24.78
N ASP B 208 5.99 -20.68 24.57
CA ASP B 208 6.87 -20.55 23.41
C ASP B 208 6.08 -20.68 22.11
N PHE B 209 5.13 -21.62 22.05
CA PHE B 209 4.37 -21.80 20.81
C PHE B 209 3.47 -20.60 20.55
N ALA B 210 2.92 -19.99 21.60
CA ALA B 210 2.11 -18.78 21.44
C ALA B 210 2.94 -17.61 20.92
N ILE B 211 4.10 -17.35 21.54
CA ILE B 211 4.95 -16.26 21.05
C ILE B 211 5.34 -16.49 19.61
N SER B 212 5.74 -17.71 19.27
CA SER B 212 6.15 -18.00 17.89
C SER B 212 5.00 -17.81 16.91
N GLU B 213 3.78 -18.16 17.30
CA GLU B 213 2.64 -17.97 16.41
C GLU B 213 2.37 -16.48 16.19
N ILE B 214 2.45 -15.69 17.25
CA ILE B 214 2.29 -14.24 17.16
C ILE B 214 3.33 -13.66 16.21
N VAL B 215 4.57 -14.16 16.27
CA VAL B 215 5.59 -13.67 15.35
C VAL B 215 5.25 -14.06 13.91
N ASP B 216 4.72 -15.27 13.71
CA ASP B 216 4.34 -15.69 12.37
C ASP B 216 3.20 -14.85 11.83
N ILE B 217 2.22 -14.55 12.70
CA ILE B 217 1.09 -13.73 12.29
C ILE B 217 1.56 -12.34 11.88
N PHE B 218 2.43 -11.75 12.70
CA PHE B 218 2.99 -10.43 12.40
C PHE B 218 3.77 -10.44 11.08
N ASN B 219 4.68 -11.42 10.92
CA ASN B 219 5.52 -11.48 9.72
C ASN B 219 4.72 -11.71 8.45
N GLU B 220 3.59 -12.43 8.54
CA GLU B 220 2.77 -12.68 7.36
C GLU B 220 2.21 -11.38 6.77
N GLN B 221 2.03 -10.34 7.58
CA GLN B 221 1.37 -9.11 7.13
C GLN B 221 2.29 -7.90 7.20
N LYS B 222 3.61 -8.13 7.17
CA LYS B 222 4.59 -7.07 7.34
C LYS B 222 4.43 -5.97 6.30
N GLU B 223 3.86 -6.27 5.14
CA GLU B 223 3.70 -5.23 4.12
C GLU B 223 2.71 -4.16 4.51
N ARG B 224 1.94 -4.35 5.58
CA ARG B 224 1.07 -3.28 6.05
C ARG B 224 1.83 -2.14 6.71
N PHE B 225 3.05 -2.37 7.17
CA PHE B 225 3.73 -1.51 8.13
C PHE B 225 4.95 -0.84 7.50
N ASP B 226 5.34 0.28 8.08
CA ASP B 226 6.57 0.96 7.71
C ASP B 226 7.50 0.95 8.91
N PHE B 227 8.55 0.13 8.85
CA PHE B 227 9.52 0.02 9.94
C PHE B 227 10.65 1.03 9.82
N TRP B 228 10.69 1.83 8.76
CA TRP B 228 11.77 2.77 8.53
C TRP B 228 11.48 4.11 9.20
N ILE B 229 12.48 4.65 9.90
CA ILE B 229 12.35 5.92 10.60
C ILE B 229 13.55 6.80 10.24
N GLY B 230 13.29 8.10 10.06
CA GLY B 230 14.32 9.06 9.70
C GLY B 230 15.54 9.05 10.61
N SER B 231 16.72 8.97 10.01
CA SER B 231 17.98 9.01 10.74
C SER B 231 18.79 10.29 10.45
N HIS B 232 18.81 10.76 9.21
CA HIS B 232 19.56 11.96 8.89
C HIS B 232 18.93 12.63 7.67
N SER B 233 19.17 13.94 7.57
CA SER B 233 18.75 14.77 6.45
C SER B 233 19.92 15.68 6.10
N PHE B 234 20.11 15.93 4.80
CA PHE B 234 21.10 16.91 4.36
C PHE B 234 20.79 17.30 2.92
N THR B 235 21.47 18.33 2.44
CA THR B 235 21.31 18.80 1.07
C THR B 235 22.67 18.89 0.41
N ILE B 236 22.65 18.90 -0.92
CA ILE B 236 23.85 19.12 -1.72
C ILE B 236 23.50 20.14 -2.80
N TYR B 237 24.36 21.13 -2.97
CA TYR B 237 24.18 22.17 -3.97
C TYR B 237 25.23 22.02 -5.06
N ILE B 238 24.79 21.96 -6.31
CA ILE B 238 25.72 21.85 -7.43
C ILE B 238 25.61 23.10 -8.30
N PRO B 239 26.43 24.12 -8.07
CA PRO B 239 26.27 25.37 -8.82
C PRO B 239 26.76 25.22 -10.26
N GLN B 240 26.22 26.08 -11.12
CA GLN B 240 26.64 26.15 -12.52
C GLN B 240 28.13 26.43 -12.65
N THR B 241 28.78 25.73 -13.58
CA THR B 241 30.21 25.93 -13.82
C THR B 241 30.44 27.04 -14.83
N LEU B 242 31.70 27.50 -14.90
CA LEU B 242 32.14 28.53 -15.82
C LEU B 242 33.07 27.92 -16.85
N GLY B 243 32.77 28.15 -18.12
CA GLY B 243 33.63 27.62 -19.18
C GLY B 243 33.76 26.12 -19.05
N GLU B 244 34.99 25.62 -19.17
CA GLU B 244 35.28 24.20 -19.06
C GLU B 244 35.66 23.78 -17.64
N SER B 245 35.29 24.57 -16.64
CA SER B 245 35.65 24.24 -15.26
C SER B 245 34.92 22.98 -14.81
N PRO B 246 35.54 22.19 -13.93
CA PRO B 246 34.89 20.96 -13.46
C PRO B 246 33.72 21.24 -12.52
N ARG B 247 32.74 20.32 -12.57
CA ARG B 247 31.55 20.41 -11.73
C ARG B 247 31.90 20.17 -10.27
N GLN B 248 31.41 21.01 -9.37
CA GLN B 248 31.69 20.84 -7.94
C GLN B 248 30.39 20.72 -7.16
N PHE B 249 30.44 19.98 -6.06
CA PHE B 249 29.28 19.84 -5.18
C PHE B 249 29.65 20.28 -3.76
N TYR B 250 28.64 20.72 -3.02
CA TYR B 250 28.80 21.15 -1.64
C TYR B 250 27.69 20.54 -0.79
N PRO B 251 28.01 19.67 0.17
CA PRO B 251 27.00 19.19 1.10
C PRO B 251 26.85 20.15 2.29
N TYR B 252 25.60 20.28 2.73
CA TYR B 252 25.17 21.17 3.79
C TYR B 252 24.37 20.39 4.83
N GLN B 253 24.70 20.54 6.11
CA GLN B 253 23.91 19.83 7.12
C GLN B 253 24.11 20.43 8.50
N ALA B 254 23.16 20.10 9.39
CA ALA B 254 23.35 20.11 10.84
C ALA B 254 23.14 18.68 11.36
N TYR B 255 23.52 18.44 12.61
CA TYR B 255 23.27 17.14 13.24
C TYR B 255 22.95 17.38 14.70
N PHE B 256 21.69 17.12 15.10
CA PHE B 256 21.24 17.44 16.46
C PHE B 256 22.15 16.78 17.50
N GLY B 257 22.57 17.58 18.49
CA GLY B 257 23.48 17.13 19.53
C GLY B 257 24.95 17.15 19.15
N SER B 258 25.29 17.38 17.88
CA SER B 258 26.67 17.37 17.41
C SER B 258 27.13 18.74 16.92
N HIS B 259 26.44 19.30 15.95
CA HIS B 259 26.87 20.57 15.35
C HIS B 259 25.69 21.19 14.62
N THR B 260 25.72 22.52 14.51
CA THR B 260 24.76 23.27 13.72
C THR B 260 25.28 23.46 12.29
N LEU B 261 24.40 23.99 11.44
CA LEU B 261 24.82 24.35 10.09
C LEU B 261 25.91 25.41 10.12
N GLN B 262 25.80 26.36 11.04
CA GLN B 262 26.87 27.33 11.23
C GLN B 262 28.19 26.65 11.54
N ASP B 263 28.18 25.69 12.49
CA ASP B 263 29.42 24.95 12.84
C ASP B 263 29.96 24.22 11.62
N TRP B 264 29.08 23.56 10.86
CA TRP B 264 29.48 22.85 9.65
C TRP B 264 30.27 23.76 8.71
N PHE B 265 29.69 24.93 8.39
CA PHE B 265 30.35 25.86 7.50
C PHE B 265 31.62 26.43 8.11
N VAL B 266 31.63 26.70 9.43
CA VAL B 266 32.84 27.26 10.03
C VAL B 266 34.00 26.25 9.93
N SER B 267 33.70 24.95 10.01
CA SER B 267 34.71 23.90 9.92
C SER B 267 35.17 23.63 8.50
N ASP B 268 34.49 24.18 7.48
CA ASP B 268 34.80 23.93 6.07
C ASP B 268 34.70 22.45 5.72
N LYS B 269 33.86 21.67 6.44
CA LYS B 269 33.72 20.27 6.03
C LYS B 269 33.02 20.17 4.69
N ASP B 270 32.23 21.19 4.33
CA ASP B 270 31.63 21.21 3.00
C ASP B 270 32.70 21.22 1.92
N GLU B 271 33.73 22.06 2.09
CA GLU B 271 34.81 22.15 1.10
C GLU B 271 35.67 20.89 1.13
N TYR B 272 35.90 20.33 2.32
CA TYR B 272 36.69 19.12 2.44
C TYR B 272 36.05 17.97 1.66
N LEU B 273 34.75 17.75 1.87
CA LEU B 273 34.08 16.65 1.18
C LEU B 273 33.91 16.94 -0.30
N SER B 274 33.83 18.22 -0.68
CA SER B 274 33.73 18.58 -2.09
C SER B 274 34.86 17.98 -2.90
N ARG B 275 36.04 17.85 -2.30
CA ARG B 275 37.23 17.46 -3.05
C ARG B 275 37.20 16.01 -3.50
N ILE B 276 36.40 15.15 -2.88
CA ILE B 276 36.35 13.78 -3.35
C ILE B 276 35.54 13.64 -4.64
N GLY B 277 34.75 14.66 -5.02
CA GLY B 277 33.96 14.63 -6.24
C GLY B 277 32.61 13.96 -6.10
N ILE B 278 31.60 14.43 -6.86
CA ILE B 278 30.22 13.98 -6.64
C ILE B 278 30.08 12.48 -6.93
N ASP B 279 30.79 11.96 -7.93
CA ASP B 279 30.68 10.55 -8.27
C ASP B 279 31.09 9.66 -7.11
N LYS B 280 32.29 9.90 -6.54
CA LYS B 280 32.73 9.11 -5.40
C LYS B 280 31.80 9.29 -4.20
N TYR B 281 31.30 10.51 -4.00
CA TYR B 281 30.36 10.74 -2.91
C TYR B 281 29.12 9.87 -3.06
N ILE B 282 28.53 9.86 -4.28
CA ILE B 282 27.32 9.06 -4.50
C ILE B 282 27.62 7.57 -4.33
N GLU B 283 28.78 7.11 -4.82
CA GLU B 283 29.12 5.71 -4.71
C GLU B 283 29.21 5.27 -3.26
N LYS B 284 29.73 6.15 -2.40
CA LYS B 284 29.81 5.83 -0.97
C LYS B 284 28.44 5.88 -0.30
N LEU B 285 27.56 6.79 -0.75
CA LEU B 285 26.17 6.74 -0.27
C LEU B 285 25.52 5.42 -0.63
N ALA B 286 25.74 4.95 -1.86
CA ALA B 286 25.19 3.66 -2.28
C ALA B 286 25.69 2.53 -1.40
N VAL B 287 26.96 2.58 -0.99
CA VAL B 287 27.48 1.57 -0.07
C VAL B 287 26.77 1.66 1.28
N LEU B 288 26.48 2.89 1.72
CA LEU B 288 25.77 3.07 2.98
C LEU B 288 24.44 2.34 3.00
N GLY B 289 23.74 2.29 1.85
CA GLY B 289 22.51 1.53 1.75
C GLY B 289 22.69 0.05 1.44
N LYS B 290 23.82 -0.33 0.83
CA LYS B 290 24.06 -1.72 0.45
C LYS B 290 24.60 -2.54 1.61
N THR B 291 25.43 -1.95 2.45
CA THR B 291 26.32 -2.74 3.28
C THR B 291 25.57 -3.47 4.39
N THR B 292 26.10 -4.64 4.72
CA THR B 292 25.66 -5.47 5.84
C THR B 292 26.62 -5.38 7.02
N ASN B 293 27.74 -4.67 6.84
CA ASN B 293 28.84 -4.65 7.79
C ASN B 293 28.74 -3.41 8.68
N THR B 294 28.59 -3.64 9.98
CA THR B 294 28.42 -2.53 10.92
C THR B 294 29.60 -1.57 10.85
N LYS B 295 30.83 -2.09 10.80
CA LYS B 295 31.99 -1.21 10.83
C LYS B 295 32.08 -0.37 9.55
N GLU B 296 31.79 -0.98 8.39
CA GLU B 296 31.78 -0.22 7.16
C GLU B 296 30.67 0.82 7.15
N ARG B 297 29.49 0.44 7.63
CA ARG B 297 28.38 1.39 7.73
C ARG B 297 28.74 2.54 8.66
N SER B 298 29.31 2.22 9.83
CA SER B 298 29.67 3.24 10.81
C SER B 298 30.76 4.18 10.30
N ASP B 299 31.75 3.65 9.59
CA ASP B 299 32.85 4.47 9.07
C ASP B 299 32.36 5.48 8.04
N ILE B 300 31.50 5.07 7.12
CA ILE B 300 31.03 6.00 6.08
C ILE B 300 30.12 7.05 6.69
N TYR B 301 29.21 6.64 7.58
CA TYR B 301 28.31 7.58 8.23
C TYR B 301 29.09 8.66 8.98
N ALA B 302 30.10 8.24 9.74
CA ALA B 302 30.95 9.19 10.46
C ALA B 302 31.73 10.07 9.49
N GLU B 303 32.40 9.46 8.51
CA GLU B 303 33.17 10.23 7.53
C GLU B 303 32.34 11.37 6.93
N PHE B 304 31.09 11.08 6.55
CA PHE B 304 30.29 12.07 5.84
C PHE B 304 29.52 13.01 6.76
N PHE B 305 29.07 12.54 7.93
CA PHE B 305 28.06 13.25 8.71
C PHE B 305 28.53 13.70 10.08
N SER B 306 29.72 13.32 10.53
CA SER B 306 30.14 13.77 11.85
C SER B 306 30.55 15.25 11.83
N LYS B 307 30.55 15.85 13.01
CA LYS B 307 31.27 17.11 13.19
C LYS B 307 32.73 16.93 12.76
N ARG B 308 33.29 17.93 12.10
CA ARG B 308 34.67 17.81 11.64
C ARG B 308 35.63 17.61 12.83
N GLY B 309 36.50 16.62 12.72
CA GLY B 309 37.39 16.27 13.81
C GLY B 309 36.87 15.19 14.74
N ARG B 310 35.59 14.81 14.63
CA ARG B 310 35.00 13.76 15.46
C ARG B 310 34.74 12.48 14.67
N GLU B 311 35.27 12.37 13.46
CA GLU B 311 35.04 11.20 12.62
C GLU B 311 35.39 9.90 13.35
N ALA B 312 36.40 9.92 14.24
CA ALA B 312 36.78 8.69 14.96
C ALA B 312 35.81 8.26 16.05
N PHE B 313 34.98 9.17 16.57
CA PHE B 313 34.13 8.88 17.71
C PHE B 313 32.64 8.88 17.38
N PHE B 314 32.25 9.55 16.29
CA PHE B 314 30.82 9.82 16.02
C PHE B 314 30.00 8.53 15.96
N CYS B 315 30.56 7.45 15.41
CA CYS B 315 29.86 6.18 15.27
C CYS B 315 30.62 5.01 15.91
N ALA B 316 31.39 5.28 16.96
CA ALA B 316 32.15 4.23 17.64
C ALA B 316 31.41 3.73 18.88
N HIS B 317 31.70 2.48 19.26
CA HIS B 317 31.18 1.86 20.49
C HIS B 317 29.66 1.87 20.45
N LEU B 318 28.97 2.46 21.43
CA LEU B 318 27.52 2.41 21.48
C LEU B 318 26.86 3.27 20.41
N ASN B 319 27.61 4.10 19.69
CA ASN B 319 27.07 4.88 18.58
C ASN B 319 27.21 4.18 17.25
N GLU B 320 27.65 2.91 17.24
CA GLU B 320 27.77 2.16 16.00
C GLU B 320 26.44 2.11 15.27
N LYS B 321 26.51 2.05 13.94
CA LYS B 321 25.34 2.02 13.09
C LYS B 321 25.04 0.55 12.78
N ARG B 322 24.23 -0.06 13.65
CA ARG B 322 23.97 -1.50 13.62
C ARG B 322 22.73 -1.90 12.82
N GLN B 323 21.92 -0.93 12.39
CA GLN B 323 20.69 -1.22 11.67
C GLN B 323 20.85 -0.88 10.19
N PRO B 324 20.16 -1.59 9.30
CA PRO B 324 20.23 -1.25 7.88
C PRO B 324 19.79 0.18 7.64
N LEU B 325 20.44 0.84 6.68
CA LEU B 325 20.10 2.19 6.28
C LEU B 325 19.62 2.18 4.83
N ARG B 326 18.81 3.17 4.48
CA ARG B 326 18.50 3.40 3.08
C ARG B 326 18.58 4.89 2.79
N VAL B 327 18.94 5.22 1.56
CA VAL B 327 19.12 6.61 1.12
C VAL B 327 18.06 6.93 0.09
N LYS B 328 17.40 8.08 0.24
CA LYS B 328 16.44 8.59 -0.73
C LYS B 328 16.83 10.02 -1.11
N PHE B 329 16.47 10.45 -2.31
CA PHE B 329 16.83 11.77 -2.81
C PHE B 329 15.70 12.38 -3.62
N LYS B 330 15.74 13.70 -3.71
CA LYS B 330 14.89 14.47 -4.61
C LYS B 330 15.72 15.63 -5.09
N ILE B 331 15.45 16.09 -6.31
CA ILE B 331 16.32 17.06 -6.98
C ILE B 331 15.49 18.13 -7.68
N THR B 332 16.02 19.35 -7.71
CA THR B 332 15.33 20.44 -8.40
C THR B 332 16.35 21.44 -8.92
N GLU B 333 15.92 22.21 -9.90
CA GLU B 333 16.72 23.34 -10.37
C GLU B 333 16.55 24.54 -9.44
N ILE B 334 17.59 25.37 -9.41
CA ILE B 334 17.66 26.59 -8.61
C ILE B 334 17.72 27.77 -9.56
N ASN B 335 16.99 28.84 -9.25
CA ASN B 335 17.18 30.12 -9.93
C ASN B 335 18.15 30.96 -9.10
N PRO B 336 19.41 31.12 -9.51
CA PRO B 336 20.39 31.76 -8.62
C PRO B 336 20.10 33.23 -8.34
N GLU B 337 19.40 33.92 -9.25
CA GLU B 337 19.05 35.32 -9.00
C GLU B 337 18.00 35.42 -7.91
N LEU B 338 17.02 34.51 -7.91
CA LEU B 338 16.04 34.51 -6.82
C LEU B 338 16.71 34.16 -5.50
N ALA B 339 17.55 33.11 -5.48
CA ALA B 339 18.25 32.71 -4.26
C ALA B 339 19.12 33.84 -3.72
N LEU B 340 19.89 34.47 -4.60
CA LEU B 340 20.69 35.60 -4.18
C LEU B 340 19.83 36.72 -3.62
N LYS B 341 18.64 36.94 -4.22
CA LYS B 341 17.73 37.95 -3.68
C LYS B 341 17.17 37.53 -2.31
N ASN B 342 16.83 36.24 -2.15
CA ASN B 342 16.35 35.78 -0.85
C ASN B 342 17.42 36.00 0.24
N LEU B 343 18.68 35.73 -0.10
CA LEU B 343 19.75 35.87 0.88
C LEU B 343 20.01 37.34 1.20
N GLN B 344 19.88 38.22 0.21
CA GLN B 344 20.03 39.64 0.47
C GLN B 344 18.89 40.15 1.34
N GLU B 345 17.68 39.61 1.17
CA GLU B 345 16.58 39.98 2.07
C GLU B 345 16.87 39.54 3.49
N THR B 346 17.42 38.34 3.65
CA THR B 346 17.79 37.87 4.98
C THR B 346 18.87 38.75 5.58
N GLN B 347 19.85 39.16 4.77
CA GLN B 347 20.92 40.02 5.28
C GLN B 347 20.38 41.37 5.72
N GLU B 348 19.41 41.92 4.97
CA GLU B 348 18.75 43.16 5.38
C GLU B 348 18.05 42.99 6.72
N PHE B 349 17.33 41.88 6.90
CA PHE B 349 16.68 41.57 8.19
C PHE B 349 17.70 41.48 9.31
N ILE B 350 18.81 40.79 9.08
CA ILE B 350 19.86 40.69 10.10
C ILE B 350 20.42 42.08 10.41
N ASP B 351 20.64 42.91 9.40
CA ASP B 351 21.25 44.23 9.62
C ASP B 351 20.32 45.16 10.38
N THR B 352 19.05 44.77 10.50
CA THR B 352 18.07 45.46 11.33
C THR B 352 18.35 45.30 12.81
N HIS B 353 19.21 44.33 13.20
CA HIS B 353 19.52 44.13 14.61
C HIS B 353 20.77 44.92 14.99
N PRO B 354 20.73 45.68 16.08
CA PRO B 354 21.92 46.43 16.49
C PRO B 354 23.05 45.51 16.91
N GLY B 355 24.28 45.94 16.62
CA GLY B 355 25.48 45.19 16.96
C GLY B 355 26.54 45.44 15.91
N GLU B 356 27.79 45.68 16.34
CA GLU B 356 28.84 46.02 15.38
C GLU B 356 29.38 44.77 14.67
N ASN B 357 29.67 43.70 15.44
CA ASN B 357 30.11 42.42 14.92
C ASN B 357 28.92 41.48 14.73
N PRO B 358 29.02 40.50 13.84
CA PRO B 358 27.95 39.49 13.77
C PRO B 358 27.62 38.85 15.11
N SER B 359 28.64 38.53 15.93
CA SER B 359 28.36 37.96 17.25
C SER B 359 27.52 38.89 18.11
N ASP B 360 27.72 40.21 17.98
CA ASP B 360 26.87 41.19 18.68
C ASP B 360 25.41 41.11 18.21
N LYS B 361 25.18 40.96 16.91
CA LYS B 361 23.82 40.86 16.40
C LYS B 361 23.15 39.57 16.87
N VAL B 362 23.91 38.48 16.87
CA VAL B 362 23.34 37.22 17.35
C VAL B 362 22.94 37.34 18.81
N GLU B 363 23.79 37.99 19.63
CA GLU B 363 23.45 38.17 21.04
C GLU B 363 22.22 39.05 21.20
N ASN B 364 22.10 40.12 20.38
CA ASN B 364 20.87 40.93 20.41
C ASN B 364 19.65 40.08 20.10
N TYR B 365 19.74 39.22 19.07
CA TYR B 365 18.64 38.32 18.73
C TYR B 365 18.27 37.39 19.89
N ARG B 366 19.27 36.71 20.47
CA ARG B 366 19.00 35.81 21.59
C ARG B 366 18.35 36.54 22.75
N ASN B 367 18.87 37.73 23.09
CA ASN B 367 18.33 38.48 24.23
C ASN B 367 16.87 38.88 23.99
N ARG B 368 16.53 39.29 22.77
CA ARG B 368 15.16 39.69 22.48
C ARG B 368 14.23 38.48 22.48
N ALA B 369 14.73 37.32 22.04
CA ALA B 369 13.90 36.12 22.08
C ALA B 369 13.62 35.71 23.53
N LYS B 370 14.62 35.84 24.41
CA LYS B 370 14.46 35.46 25.82
C LYS B 370 13.47 36.37 26.53
N LEU B 371 13.60 37.68 26.33
CA LEU B 371 12.67 38.64 26.89
C LEU B 371 11.23 38.38 26.42
N ALA B 372 11.05 38.09 25.13
CA ALA B 372 9.70 37.85 24.63
C ALA B 372 9.13 36.54 25.16
N MET B 373 9.95 35.51 25.27
CA MET B 373 9.51 34.26 25.89
C MET B 373 9.05 34.50 27.32
N THR B 374 9.84 35.25 28.09
CA THR B 374 9.54 35.46 29.51
C THR B 374 8.26 36.26 29.69
N GLU B 375 8.13 37.37 28.96
CA GLU B 375 6.94 38.20 29.09
C GLU B 375 5.70 37.46 28.60
N HIS B 376 5.85 36.62 27.58
CA HIS B 376 4.71 35.87 27.06
C HIS B 376 4.25 34.82 28.07
N LEU B 377 5.19 34.08 28.68
CA LEU B 377 4.83 33.10 29.70
C LEU B 377 4.18 33.77 30.90
N GLU B 378 4.72 34.91 31.35
CA GLU B 378 4.14 35.62 32.48
C GLU B 378 2.73 36.11 32.15
N SER B 379 2.51 36.54 30.91
CA SER B 379 1.19 37.00 30.47
C SER B 379 0.19 35.85 30.45
N LEU B 380 0.53 34.76 29.77
CA LEU B 380 -0.42 33.66 29.60
C LEU B 380 -0.79 33.01 30.93
N LEU B 381 0.10 33.07 31.92
CA LEU B 381 -0.12 32.45 33.22
C LEU B 381 -0.59 33.44 34.29
N ASP B 382 -0.66 34.73 33.95
CA ASP B 382 -1.13 35.79 34.84
C ASP B 382 -0.25 35.96 36.07
N ILE B 383 0.95 36.50 35.86
CA ILE B 383 1.93 36.64 36.94
C ILE B 383 2.05 38.10 37.37
#